data_5FMS
#
_entry.id   5FMS
#
_cell.length_a   204.910
_cell.length_b   204.910
_cell.length_c   204.910
_cell.angle_alpha   90.00
_cell.angle_beta   90.00
_cell.angle_gamma   90.00
#
_symmetry.space_group_name_H-M   'P 43 3 2'
#
_entity_poly.entity_id   1
_entity_poly.type   'polypeptide(L)'
_entity_poly.pdbx_seq_one_letter_code
;GAASMEKELRSTILFNAYKKEVFTTNTGTKSLQKRLRSNWKIQSLKDEITSEKLIGVKLWITAGPREKFTAAEFEVLKKY
LDSGGDILVMLGEGGESRFDTNINFLLEEYGIMVNNDAVVRNVYYKYFHPKEALVSDGVLNREISRAAGKAVPGVIDEEN
SGNNAQALTFVYPFGATLSVMKPAVAVLSTGSVCFPLNRPILAFYHSKNQGFGKLAVLGSCHMFSDQYLDKEENSKIMDV
VFQWLTTGDIHLNQIDAEDPEISDYTMVPDTA
;
_entity_poly.pdbx_strand_id   A,B,C
#
# COMPACT_ATOMS: atom_id res chain seq x y z
N SER A 11 10.08 -29.52 17.43
CA SER A 11 11.20 -28.72 17.91
C SER A 11 12.17 -28.45 16.78
N THR A 12 11.83 -27.46 15.96
CA THR A 12 12.70 -26.95 14.92
C THR A 12 12.22 -25.54 14.67
N ILE A 13 13.11 -24.63 14.35
CA ILE A 13 12.70 -23.28 14.07
C ILE A 13 13.05 -23.07 12.63
N LEU A 14 12.22 -22.40 11.86
CA LEU A 14 12.43 -22.45 10.44
C LEU A 14 12.48 -21.06 9.88
N PHE A 15 13.59 -20.69 9.24
CA PHE A 15 13.69 -19.38 8.66
C PHE A 15 13.35 -19.56 7.22
N ASN A 16 12.64 -18.64 6.63
CA ASN A 16 12.18 -18.89 5.29
C ASN A 16 13.21 -18.26 4.40
N ALA A 17 13.51 -18.85 3.25
CA ALA A 17 14.57 -18.27 2.46
C ALA A 17 14.36 -18.25 0.97
N TYR A 18 13.30 -18.89 0.48
CA TYR A 18 13.08 -18.98 -0.96
C TYR A 18 12.34 -17.78 -1.54
N LYS A 19 11.84 -16.89 -0.69
CA LYS A 19 11.11 -15.72 -1.15
C LYS A 19 12.08 -14.57 -1.20
N LYS A 20 13.34 -14.89 -1.41
CA LYS A 20 14.39 -13.89 -1.53
C LYS A 20 14.44 -13.04 -0.29
N GLU A 21 14.29 -13.67 0.87
CA GLU A 21 14.30 -12.95 2.14
C GLU A 21 15.56 -12.15 2.30
N VAL A 22 15.49 -11.07 3.05
CA VAL A 22 16.64 -10.22 3.31
C VAL A 22 17.56 -10.87 4.32
N PHE A 23 17.00 -11.54 5.30
CA PHE A 23 17.80 -12.27 6.27
C PHE A 23 17.42 -13.75 6.26
N THR A 24 18.40 -14.61 6.02
CA THR A 24 18.21 -16.04 6.02
C THR A 24 19.24 -16.59 6.97
N THR A 25 19.39 -17.89 7.09
CA THR A 25 20.35 -18.37 8.07
C THR A 25 21.79 -18.19 7.57
N ASN A 26 21.93 -18.06 6.26
CA ASN A 26 23.18 -17.81 5.57
C ASN A 26 23.68 -16.40 5.79
N THR A 27 22.77 -15.51 6.19
CA THR A 27 23.08 -14.09 6.27
C THR A 27 22.56 -13.48 7.57
N GLY A 28 22.83 -12.20 7.78
CA GLY A 28 22.06 -11.41 8.71
C GLY A 28 21.99 -11.92 10.11
N THR A 29 20.90 -12.62 10.40
CA THR A 29 20.54 -13.05 11.74
C THR A 29 21.46 -14.18 12.15
N LYS A 30 22.74 -13.89 12.23
CA LYS A 30 23.77 -14.86 12.62
C LYS A 30 23.84 -14.92 14.14
N SER A 31 23.75 -13.78 14.79
CA SER A 31 23.85 -13.70 16.24
C SER A 31 22.57 -14.12 16.94
N LEU A 32 21.46 -14.03 16.24
CA LEU A 32 20.19 -14.48 16.76
C LEU A 32 20.20 -16.00 16.82
N GLN A 33 20.74 -16.63 15.79
CA GLN A 33 20.78 -18.06 15.74
C GLN A 33 21.52 -18.65 16.93
N LYS A 34 22.62 -18.03 17.36
CA LYS A 34 23.39 -18.57 18.49
C LYS A 34 22.56 -18.70 19.75
N ARG A 35 21.58 -17.85 19.91
CA ARG A 35 20.79 -17.91 21.13
C ARG A 35 19.64 -18.89 20.98
N LEU A 36 19.46 -19.42 19.78
CA LEU A 36 18.35 -20.32 19.49
C LEU A 36 18.84 -21.74 19.32
N ARG A 37 20.02 -21.91 18.72
CA ARG A 37 20.54 -23.24 18.48
C ARG A 37 20.83 -23.90 19.80
N SER A 38 20.69 -23.15 20.88
CA SER A 38 20.82 -23.72 22.22
C SER A 38 19.62 -24.56 22.57
N ASN A 39 18.43 -24.05 22.29
CA ASN A 39 17.20 -24.78 22.62
C ASN A 39 16.46 -25.38 21.43
N TRP A 40 17.00 -25.24 20.22
CA TRP A 40 16.23 -25.62 19.04
C TRP A 40 17.07 -26.12 17.92
N LYS A 41 16.43 -26.72 16.93
CA LYS A 41 17.15 -27.12 15.75
C LYS A 41 16.83 -26.12 14.67
N ILE A 42 17.75 -25.21 14.37
CA ILE A 42 17.50 -24.20 13.35
C ILE A 42 17.75 -24.72 11.94
N GLN A 43 16.75 -24.70 11.08
CA GLN A 43 17.02 -25.06 9.70
C GLN A 43 16.34 -24.09 8.76
N SER A 44 16.97 -23.81 7.63
CA SER A 44 16.45 -22.92 6.60
C SER A 44 15.42 -23.63 5.74
N LEU A 45 14.73 -22.92 4.87
CA LEU A 45 13.75 -23.54 3.97
C LEU A 45 13.92 -23.07 2.52
N LYS A 46 14.33 -23.96 1.63
CA LYS A 46 14.63 -23.53 0.27
C LYS A 46 13.53 -23.78 -0.77
N ASP A 47 12.68 -24.77 -0.54
CA ASP A 47 11.63 -25.11 -1.50
C ASP A 47 10.22 -24.73 -1.00
N GLU A 48 9.23 -24.73 -1.88
CA GLU A 48 7.85 -24.35 -1.56
C GLU A 48 7.32 -24.92 -0.26
N ILE A 49 6.54 -24.11 0.45
CA ILE A 49 5.97 -24.45 1.76
C ILE A 49 4.86 -25.48 1.71
N THR A 50 5.15 -26.71 2.11
CA THR A 50 4.17 -27.80 2.07
C THR A 50 3.80 -28.14 3.49
N SER A 51 2.51 -28.37 3.74
CA SER A 51 2.02 -28.55 5.10
C SER A 51 2.80 -29.61 5.86
N GLU A 52 3.27 -30.60 5.13
CA GLU A 52 4.14 -31.63 5.70
C GLU A 52 5.51 -31.08 6.12
N LYS A 53 6.07 -30.19 5.30
CA LYS A 53 7.41 -29.64 5.54
C LYS A 53 7.50 -28.97 6.88
N LEU A 54 6.39 -28.35 7.27
CA LEU A 54 6.30 -27.65 8.53
C LEU A 54 5.99 -28.59 9.68
N ILE A 55 6.20 -29.89 9.50
CA ILE A 55 5.76 -30.86 10.51
C ILE A 55 6.46 -30.73 11.84
N GLY A 56 7.78 -30.62 11.84
CA GLY A 56 8.47 -30.56 13.10
C GLY A 56 8.41 -29.17 13.68
N VAL A 57 8.22 -28.20 12.80
CA VAL A 57 8.43 -26.78 13.11
C VAL A 57 7.60 -26.14 14.21
N LYS A 58 8.29 -25.48 15.13
CA LYS A 58 7.68 -24.79 16.24
C LYS A 58 7.46 -23.35 15.90
N LEU A 59 8.26 -22.86 14.97
CA LEU A 59 8.19 -21.46 14.57
C LEU A 59 8.72 -21.25 13.17
N TRP A 60 7.99 -20.52 12.36
CA TRP A 60 8.38 -20.22 11.02
C TRP A 60 8.75 -18.75 11.03
N ILE A 61 9.77 -18.31 10.32
CA ILE A 61 10.18 -16.91 10.38
C ILE A 61 10.47 -16.40 9.01
N THR A 62 9.97 -15.23 8.65
CA THR A 62 10.34 -14.60 7.40
C THR A 62 11.01 -13.32 7.70
N ALA A 63 12.31 -13.21 7.54
CA ALA A 63 12.92 -11.93 7.85
C ALA A 63 12.96 -11.08 6.61
N GLY A 64 11.95 -10.24 6.42
CA GLY A 64 11.90 -9.35 5.29
C GLY A 64 11.75 -10.04 3.96
N PRO A 65 10.57 -10.59 3.66
CA PRO A 65 10.38 -11.24 2.37
C PRO A 65 10.45 -10.23 1.26
N ARG A 66 10.86 -10.61 0.06
CA ARG A 66 10.85 -9.68 -1.06
C ARG A 66 10.26 -10.25 -2.34
N GLU A 67 9.68 -11.43 -2.26
CA GLU A 67 9.00 -12.02 -3.39
C GLU A 67 7.57 -12.25 -2.96
N LYS A 68 6.62 -12.22 -3.89
CA LYS A 68 5.22 -12.37 -3.49
C LYS A 68 4.88 -13.77 -3.03
N PHE A 69 3.76 -13.92 -2.34
CA PHE A 69 3.29 -15.22 -1.89
C PHE A 69 2.13 -15.72 -2.72
N THR A 70 1.87 -17.02 -2.70
CA THR A 70 0.76 -17.55 -3.46
C THR A 70 -0.34 -17.99 -2.56
N ALA A 71 -1.59 -17.80 -2.98
CA ALA A 71 -2.74 -18.03 -2.12
C ALA A 71 -2.71 -19.47 -1.67
N ALA A 72 -2.01 -20.30 -2.42
CA ALA A 72 -1.74 -21.67 -2.06
C ALA A 72 -0.86 -21.73 -0.81
N GLU A 73 0.26 -21.04 -0.87
CA GLU A 73 1.18 -20.93 0.26
C GLU A 73 0.54 -20.35 1.49
N PHE A 74 -0.33 -19.37 1.33
CA PHE A 74 -1.04 -18.77 2.46
C PHE A 74 -1.86 -19.80 3.21
N GLU A 75 -2.58 -20.65 2.47
CA GLU A 75 -3.45 -21.63 3.12
C GLU A 75 -2.58 -22.54 3.95
N VAL A 76 -1.43 -22.89 3.42
CA VAL A 76 -0.45 -23.72 4.10
C VAL A 76 -0.14 -23.16 5.45
N LEU A 77 -0.17 -21.84 5.58
CA LEU A 77 0.21 -21.19 6.82
C LEU A 77 -0.95 -20.99 7.76
N LYS A 78 -2.08 -20.52 7.27
CA LYS A 78 -3.23 -20.40 8.14
C LYS A 78 -3.58 -21.75 8.77
N LYS A 79 -3.40 -22.84 8.03
CA LYS A 79 -3.59 -24.16 8.61
C LYS A 79 -2.56 -24.32 9.71
N TYR A 80 -1.30 -24.13 9.37
CA TYR A 80 -0.22 -24.28 10.33
C TYR A 80 -0.38 -23.39 11.55
N LEU A 81 -0.97 -22.21 11.40
CA LEU A 81 -1.12 -21.37 12.56
C LEU A 81 -2.26 -21.87 13.45
N ASP A 82 -3.37 -22.30 12.87
CA ASP A 82 -4.46 -22.80 13.67
C ASP A 82 -4.16 -24.18 14.24
N SER A 83 -3.08 -24.79 13.76
CA SER A 83 -2.65 -26.10 14.24
C SER A 83 -1.84 -26.01 15.52
N GLY A 84 -1.61 -24.79 15.97
CA GLY A 84 -0.76 -24.57 17.12
C GLY A 84 0.66 -24.20 16.76
N GLY A 85 0.91 -24.02 15.47
CA GLY A 85 2.20 -23.54 15.03
C GLY A 85 2.36 -22.09 15.41
N ASP A 86 3.54 -21.54 15.17
CA ASP A 86 3.83 -20.14 15.44
C ASP A 86 4.40 -19.52 14.20
N ILE A 87 4.25 -18.22 14.00
CA ILE A 87 4.78 -17.54 12.83
C ILE A 87 5.36 -16.25 13.27
N LEU A 88 6.38 -15.75 12.58
CA LEU A 88 6.93 -14.43 12.86
C LEU A 88 7.30 -13.76 11.56
N VAL A 89 6.67 -12.65 11.25
CA VAL A 89 6.90 -11.97 10.00
C VAL A 89 7.49 -10.64 10.27
N MET A 90 8.62 -10.34 9.66
CA MET A 90 9.25 -9.08 9.88
C MET A 90 9.56 -8.42 8.57
N LEU A 91 8.95 -7.30 8.25
CA LEU A 91 9.47 -6.58 7.11
C LEU A 91 9.74 -5.13 7.46
N GLY A 92 10.47 -4.43 6.62
CA GLY A 92 11.07 -3.18 7.02
C GLY A 92 10.51 -1.89 6.47
N GLU A 93 11.31 -0.83 6.63
CA GLU A 93 11.04 0.48 6.10
C GLU A 93 10.40 0.46 4.76
N GLY A 94 9.34 1.23 4.60
CA GLY A 94 8.71 1.38 3.31
C GLY A 94 7.70 0.29 3.10
N GLY A 95 7.72 -0.73 3.94
CA GLY A 95 6.69 -1.73 3.90
C GLY A 95 6.59 -2.39 2.54
N GLU A 96 5.41 -2.89 2.24
CA GLU A 96 5.18 -3.62 1.01
C GLU A 96 5.45 -2.86 -0.27
N SER A 97 5.72 -1.57 -0.18
CA SER A 97 5.91 -0.74 -1.37
C SER A 97 7.38 -0.49 -1.65
N ARG A 98 8.23 -0.95 -0.74
CA ARG A 98 9.66 -0.90 -0.96
C ARG A 98 10.14 -2.34 -0.94
N PHE A 99 9.23 -3.24 -0.57
CA PHE A 99 9.59 -4.64 -0.48
C PHE A 99 8.96 -5.54 -1.53
N ASP A 100 7.98 -5.06 -2.26
CA ASP A 100 7.37 -5.83 -3.35
C ASP A 100 6.98 -7.23 -2.90
N THR A 101 6.12 -7.32 -1.91
CA THR A 101 5.64 -8.61 -1.46
C THR A 101 4.20 -8.49 -0.96
N ASN A 102 3.39 -9.50 -1.18
CA ASN A 102 1.99 -9.41 -0.78
C ASN A 102 1.74 -10.04 0.56
N ILE A 103 2.66 -9.88 1.50
CA ILE A 103 2.48 -10.52 2.78
C ILE A 103 1.30 -9.95 3.54
N ASN A 104 0.90 -8.71 3.29
CA ASN A 104 -0.25 -8.13 4.01
C ASN A 104 -1.54 -8.91 3.83
N PHE A 105 -1.73 -9.49 2.65
CA PHE A 105 -2.96 -10.23 2.38
C PHE A 105 -3.20 -11.29 3.43
N LEU A 106 -2.13 -11.81 4.01
CA LEU A 106 -2.23 -12.78 5.08
C LEU A 106 -2.41 -12.09 6.41
N LEU A 107 -1.75 -10.98 6.62
CA LEU A 107 -1.81 -10.39 7.94
C LEU A 107 -3.13 -9.69 8.09
N GLU A 108 -3.70 -9.16 7.01
CA GLU A 108 -4.94 -8.40 7.08
C GLU A 108 -6.04 -9.16 7.80
N GLU A 109 -5.97 -10.50 7.78
CA GLU A 109 -6.94 -11.36 8.45
C GLU A 109 -6.79 -11.37 9.94
N TYR A 110 -5.61 -11.02 10.44
CA TYR A 110 -5.38 -11.03 11.87
C TYR A 110 -5.33 -9.61 12.36
N GLY A 111 -5.60 -8.67 11.47
CA GLY A 111 -5.76 -7.30 11.91
C GLY A 111 -4.48 -6.52 11.88
N ILE A 112 -3.43 -7.12 11.36
CA ILE A 112 -2.17 -6.43 11.30
C ILE A 112 -1.88 -6.13 9.86
N MET A 113 -1.28 -4.97 9.60
CA MET A 113 -0.92 -4.60 8.25
C MET A 113 0.29 -3.74 8.34
N VAL A 114 1.37 -4.07 7.64
CA VAL A 114 2.59 -3.29 7.74
C VAL A 114 2.54 -2.08 6.84
N ASN A 115 2.59 -0.88 7.39
CA ASN A 115 2.45 0.32 6.60
C ASN A 115 3.64 0.56 5.73
N ASN A 116 3.66 1.67 5.02
CA ASN A 116 4.78 1.96 4.16
C ASN A 116 5.45 3.26 4.55
N ASP A 117 6.08 3.34 5.70
CA ASP A 117 6.77 4.57 6.09
C ASP A 117 7.97 4.23 6.92
N ALA A 118 8.82 5.20 7.20
CA ALA A 118 9.97 4.91 8.02
C ALA A 118 9.96 5.68 9.30
N VAL A 119 10.32 5.02 10.38
CA VAL A 119 10.46 5.64 11.67
C VAL A 119 11.78 6.37 11.70
N VAL A 120 11.81 7.60 12.21
CA VAL A 120 13.03 8.37 12.32
C VAL A 120 13.25 8.91 13.72
N ARG A 121 14.42 9.43 13.96
CA ARG A 121 14.79 9.89 15.26
C ARG A 121 14.43 11.33 15.45
N ASN A 122 14.43 11.82 16.69
CA ASN A 122 14.19 13.24 16.94
C ASN A 122 15.48 14.01 16.81
N VAL A 123 16.55 13.55 17.45
CA VAL A 123 17.84 14.22 17.40
C VAL A 123 18.97 13.22 17.28
N TYR A 124 20.12 13.63 16.74
CA TYR A 124 21.19 12.69 16.53
C TYR A 124 21.77 12.20 17.83
N TYR A 125 21.89 10.89 17.95
CA TYR A 125 22.58 10.24 19.03
C TYR A 125 23.13 8.91 18.55
N LYS A 126 24.41 8.69 18.77
CA LYS A 126 25.08 7.41 18.58
C LYS A 126 25.08 6.84 17.20
N TYR A 127 24.00 7.01 16.46
CA TYR A 127 23.85 6.31 15.21
C TYR A 127 23.83 7.19 13.99
N PHE A 128 24.38 6.71 12.90
CA PHE A 128 24.54 7.51 11.71
C PHE A 128 23.33 8.03 11.02
N HIS A 129 22.34 7.16 10.83
CA HIS A 129 21.28 7.44 9.88
C HIS A 129 20.07 7.88 10.62
N PRO A 130 19.21 8.70 10.02
CA PRO A 130 18.03 9.06 10.78
C PRO A 130 17.13 7.89 11.06
N LYS A 131 17.12 6.88 10.20
CA LYS A 131 16.21 5.80 10.43
C LYS A 131 16.66 4.88 11.53
N GLU A 132 17.87 5.02 12.03
CA GLU A 132 18.30 4.18 13.12
C GLU A 132 17.77 4.77 14.36
N ALA A 133 16.47 4.57 14.57
CA ALA A 133 15.67 5.19 15.61
C ALA A 133 15.85 4.55 16.92
N LEU A 134 16.03 5.37 17.94
CA LEU A 134 16.27 4.91 19.30
C LEU A 134 15.05 5.23 20.14
N VAL A 135 14.37 4.21 20.65
CA VAL A 135 13.04 4.34 21.26
C VAL A 135 13.02 4.10 22.73
N SER A 136 12.85 5.13 23.53
CA SER A 136 12.98 4.96 24.96
C SER A 136 11.74 4.41 25.72
N ASP A 137 10.53 4.72 25.30
CA ASP A 137 9.37 4.31 26.08
C ASP A 137 8.34 3.67 25.22
N GLY A 138 8.76 2.64 24.50
CA GLY A 138 7.89 2.02 23.53
C GLY A 138 7.19 0.80 24.02
N VAL A 139 7.54 0.28 25.18
CA VAL A 139 6.87 -0.91 25.69
C VAL A 139 5.45 -0.55 26.08
N LEU A 140 4.48 -1.30 25.57
CA LEU A 140 3.05 -1.03 25.79
C LEU A 140 2.45 -1.91 26.85
N ASN A 141 2.67 -3.21 26.80
CA ASN A 141 2.02 -4.04 27.77
C ASN A 141 2.89 -4.04 29.00
N ARG A 142 2.30 -4.05 30.19
CA ARG A 142 3.09 -3.90 31.40
C ARG A 142 3.90 -5.15 31.61
N GLU A 143 3.32 -6.30 31.33
CA GLU A 143 3.95 -7.58 31.61
C GLU A 143 5.15 -7.83 30.74
N ILE A 144 5.27 -7.08 29.65
CA ILE A 144 6.42 -7.17 28.76
C ILE A 144 7.60 -6.56 29.46
N SER A 145 7.36 -5.91 30.58
CA SER A 145 8.46 -5.70 31.48
C SER A 145 8.59 -6.99 32.31
N ARG A 146 8.88 -8.05 31.55
CA ARG A 146 9.33 -9.36 32.00
C ARG A 146 10.83 -9.29 32.11
N ALA A 147 11.39 -8.21 31.60
CA ALA A 147 12.69 -7.72 32.04
C ALA A 147 12.35 -6.85 33.27
N ALA A 148 13.32 -6.19 33.90
CA ALA A 148 13.01 -5.37 35.07
C ALA A 148 12.25 -4.05 34.80
N GLY A 149 12.15 -3.21 35.83
CA GLY A 149 11.43 -1.95 35.78
C GLY A 149 10.05 -2.28 36.26
N LYS A 150 9.22 -1.28 36.54
CA LYS A 150 7.81 -1.53 36.89
C LYS A 150 6.94 -0.27 36.90
N ALA A 151 5.65 -0.45 37.12
CA ALA A 151 4.72 0.68 37.20
C ALA A 151 4.66 1.48 35.90
N GLN A 166 10.80 2.25 35.56
CA GLN A 166 12.04 2.46 34.84
C GLN A 166 11.74 2.18 33.37
N ALA A 167 12.70 2.49 32.50
CA ALA A 167 12.50 2.44 31.06
C ALA A 167 13.31 1.41 30.35
N LEU A 168 13.02 1.24 29.07
CA LEU A 168 13.68 0.25 28.25
C LEU A 168 13.92 0.77 26.87
N THR A 169 15.19 0.89 26.51
CA THR A 169 15.64 1.53 25.29
C THR A 169 15.92 0.44 24.29
N PHE A 170 15.48 0.59 23.06
CA PHE A 170 15.84 -0.38 22.07
C PHE A 170 16.09 0.36 20.81
N VAL A 171 16.78 -0.25 19.86
CA VAL A 171 17.13 0.50 18.65
C VAL A 171 16.33 -0.02 17.55
N TYR A 172 15.54 0.82 16.92
CA TYR A 172 14.60 0.31 15.97
C TYR A 172 15.03 0.74 14.61
N PRO A 173 15.87 -0.06 13.96
CA PRO A 173 16.52 0.37 12.74
C PRO A 173 15.72 0.15 11.50
N PHE A 174 15.52 1.21 10.73
CA PHE A 174 14.99 1.09 9.39
C PHE A 174 13.69 0.36 9.35
N GLY A 175 12.70 0.88 10.04
CA GLY A 175 11.47 0.14 10.19
C GLY A 175 10.21 0.90 9.88
N ALA A 176 9.11 0.19 9.75
CA ALA A 176 7.84 0.79 9.41
C ALA A 176 6.97 0.66 10.58
N THR A 177 5.81 1.29 10.56
CA THR A 177 4.88 1.17 11.64
C THR A 177 3.72 0.29 11.25
N LEU A 178 3.11 -0.44 12.18
CA LEU A 178 1.99 -1.32 11.88
C LEU A 178 0.62 -0.72 12.11
N SER A 179 -0.33 -1.04 11.24
CA SER A 179 -1.69 -0.77 11.56
C SER A 179 -2.24 -1.99 12.26
N VAL A 180 -2.63 -1.82 13.52
CA VAL A 180 -3.06 -2.91 14.38
C VAL A 180 -4.46 -2.73 14.89
N MET A 181 -5.32 -3.69 14.62
CA MET A 181 -6.66 -3.67 15.16
C MET A 181 -7.02 -5.05 15.68
N LYS A 182 -8.00 -5.16 16.57
CA LYS A 182 -8.39 -6.45 17.11
C LYS A 182 -8.65 -7.39 15.97
N PRO A 183 -8.37 -8.68 16.14
CA PRO A 183 -7.96 -9.41 17.35
C PRO A 183 -6.51 -9.26 17.74
N ALA A 184 -5.67 -8.71 16.87
CA ALA A 184 -4.29 -8.54 17.21
C ALA A 184 -4.16 -7.48 18.28
N VAL A 185 -3.07 -7.48 19.02
CA VAL A 185 -2.86 -6.51 20.08
C VAL A 185 -1.48 -5.91 19.97
N ALA A 186 -1.36 -4.58 20.03
CA ALA A 186 -0.07 -3.95 19.87
C ALA A 186 0.71 -3.99 21.15
N VAL A 187 1.99 -4.32 21.11
CA VAL A 187 2.76 -4.44 22.32
C VAL A 187 4.03 -3.62 22.36
N LEU A 188 4.42 -2.99 21.26
CA LEU A 188 5.53 -2.04 21.29
C LEU A 188 5.17 -0.84 20.45
N SER A 189 5.56 0.36 20.84
CA SER A 189 5.19 1.52 20.06
C SER A 189 6.45 2.29 19.71
N THR A 190 6.38 3.23 18.78
CA THR A 190 7.58 3.96 18.40
C THR A 190 7.99 4.89 19.50
N GLY A 191 7.12 5.15 20.44
CA GLY A 191 7.58 5.91 21.58
C GLY A 191 7.10 7.31 21.52
N SER A 192 7.71 8.15 22.33
CA SER A 192 7.31 9.53 22.39
C SER A 192 8.33 10.43 21.76
N VAL A 193 9.39 9.85 21.24
CA VAL A 193 10.50 10.60 20.70
C VAL A 193 10.91 10.04 19.36
N CYS A 194 10.07 9.30 18.67
CA CYS A 194 10.43 8.90 17.32
C CYS A 194 9.29 9.29 16.44
N PHE A 195 9.45 9.36 15.15
CA PHE A 195 8.33 9.84 14.36
C PHE A 195 7.92 8.93 13.21
N PRO A 196 6.65 8.55 13.15
CA PRO A 196 5.48 8.94 13.90
C PRO A 196 5.49 8.59 15.36
N LEU A 197 4.94 9.49 16.15
CA LEU A 197 4.88 9.33 17.58
C LEU A 197 3.87 8.29 17.91
N ASN A 198 4.18 7.45 18.87
CA ASN A 198 3.22 6.55 19.47
C ASN A 198 2.38 5.67 18.54
N ARG A 199 2.97 5.19 17.45
CA ARG A 199 2.27 4.30 16.55
C ARG A 199 2.83 2.92 16.74
N PRO A 200 2.01 1.88 16.69
CA PRO A 200 2.40 0.51 16.97
C PRO A 200 3.54 0.04 16.11
N ILE A 201 4.28 -0.94 16.57
CA ILE A 201 5.42 -1.37 15.84
C ILE A 201 5.68 -2.86 15.90
N LEU A 202 4.99 -3.55 16.80
CA LEU A 202 5.09 -4.98 16.99
C LEU A 202 3.76 -5.47 17.49
N ALA A 203 3.18 -6.46 16.84
CA ALA A 203 1.84 -6.85 17.20
C ALA A 203 1.74 -8.34 17.38
N PHE A 204 0.89 -8.80 18.28
CA PHE A 204 0.79 -10.20 18.60
C PHE A 204 -0.61 -10.70 18.33
N TYR A 205 -0.78 -11.99 18.07
CA TYR A 205 -2.11 -12.61 17.93
C TYR A 205 -2.10 -13.98 18.55
N HIS A 206 -2.90 -14.23 19.58
CA HIS A 206 -2.87 -15.55 20.19
C HIS A 206 -4.17 -16.28 19.92
N SER A 207 -5.14 -15.52 19.48
CA SER A 207 -6.55 -15.80 19.71
C SER A 207 -7.05 -17.22 19.45
N LYS A 208 -8.18 -17.47 20.10
CA LYS A 208 -9.02 -18.63 19.89
C LYS A 208 -8.37 -19.80 20.57
N ASN A 209 -9.11 -20.90 20.65
CA ASN A 209 -8.53 -22.13 21.12
C ASN A 209 -8.39 -22.99 19.88
N GLN A 210 -7.47 -22.57 19.03
CA GLN A 210 -7.13 -23.29 17.80
C GLN A 210 -6.58 -24.73 17.95
N GLY A 211 -5.69 -25.05 18.89
CA GLY A 211 -5.35 -24.23 20.04
C GLY A 211 -4.03 -23.49 20.09
N PHE A 212 -4.10 -22.28 20.64
CA PHE A 212 -2.94 -21.45 20.95
C PHE A 212 -1.95 -21.25 19.81
N GLY A 213 -2.42 -20.95 18.61
CA GLY A 213 -1.52 -20.54 17.54
C GLY A 213 -1.08 -19.12 17.82
N LYS A 214 0.14 -18.76 17.47
CA LYS A 214 0.67 -17.44 17.77
C LYS A 214 1.35 -16.79 16.60
N LEU A 215 0.96 -15.56 16.30
CA LEU A 215 1.58 -14.74 15.25
C LEU A 215 2.21 -13.49 15.78
N ALA A 216 3.36 -13.13 15.29
CA ALA A 216 3.95 -11.89 15.75
C ALA A 216 4.57 -11.15 14.60
N VAL A 217 4.11 -9.94 14.33
CA VAL A 217 4.61 -9.19 13.20
C VAL A 217 5.46 -8.10 13.71
N LEU A 218 6.64 -7.92 13.17
CA LEU A 218 7.50 -6.85 13.64
C LEU A 218 7.76 -5.91 12.49
N GLY A 219 7.79 -4.63 12.78
CA GLY A 219 7.88 -3.64 11.75
C GLY A 219 9.25 -3.51 11.19
N SER A 220 10.21 -4.28 11.68
CA SER A 220 11.53 -4.22 11.11
C SER A 220 12.48 -5.36 11.30
N CYS A 221 12.99 -5.87 10.19
CA CYS A 221 13.75 -7.09 10.21
C CYS A 221 15.10 -6.84 10.81
N HIS A 222 15.57 -5.61 10.73
CA HIS A 222 16.90 -5.24 11.22
C HIS A 222 17.06 -5.21 12.74
N MET A 223 15.97 -5.15 13.48
CA MET A 223 16.05 -5.02 14.92
C MET A 223 16.80 -6.15 15.57
N PHE A 224 16.81 -7.32 14.95
CA PHE A 224 17.38 -8.52 15.52
C PHE A 224 18.63 -9.00 14.81
N SER A 225 19.06 -8.28 13.80
CA SER A 225 20.25 -8.66 13.06
C SER A 225 21.46 -8.56 13.89
N ASP A 226 22.60 -8.97 13.37
CA ASP A 226 23.84 -8.85 14.11
C ASP A 226 24.19 -7.42 14.39
N GLN A 227 23.84 -6.56 13.45
CA GLN A 227 24.22 -5.16 13.55
C GLN A 227 23.66 -4.45 14.75
N TYR A 228 22.50 -4.88 15.25
CA TYR A 228 21.82 -4.12 16.28
C TYR A 228 21.40 -4.91 17.49
N LEU A 229 21.38 -6.23 17.40
CA LEU A 229 20.87 -7.04 18.49
C LEU A 229 21.74 -6.90 19.68
N ASP A 230 23.02 -6.83 19.44
CA ASP A 230 23.93 -6.75 20.54
C ASP A 230 23.73 -5.46 21.27
N LYS A 231 23.31 -4.43 20.54
CA LYS A 231 23.58 -3.10 21.01
C LYS A 231 22.77 -2.55 22.15
N GLU A 232 21.47 -2.40 22.06
CA GLU A 232 20.92 -1.61 23.13
C GLU A 232 19.76 -2.16 23.88
N GLU A 233 19.92 -3.27 24.58
CA GLU A 233 18.78 -3.85 25.26
C GLU A 233 17.78 -4.30 24.22
N ASN A 234 18.20 -4.38 22.96
CA ASN A 234 17.43 -5.05 21.94
C ASN A 234 17.36 -6.48 22.36
N SER A 235 18.44 -6.96 22.95
CA SER A 235 18.53 -8.35 23.36
C SER A 235 17.43 -8.75 24.34
N LYS A 236 17.11 -7.92 25.31
CA LYS A 236 15.99 -8.27 26.20
C LYS A 236 14.69 -8.36 25.45
N ILE A 237 14.48 -7.47 24.50
CA ILE A 237 13.27 -7.45 23.70
C ILE A 237 13.17 -8.73 22.91
N MET A 238 14.27 -9.15 22.29
CA MET A 238 14.23 -10.39 21.56
C MET A 238 13.81 -11.51 22.46
N ASP A 239 14.45 -11.61 23.63
CA ASP A 239 14.15 -12.68 24.56
C ASP A 239 12.66 -12.76 24.82
N VAL A 240 12.03 -11.62 25.02
CA VAL A 240 10.63 -11.65 25.31
C VAL A 240 9.80 -12.00 24.09
N VAL A 241 10.09 -11.44 22.92
CA VAL A 241 9.32 -11.76 21.73
C VAL A 241 9.41 -13.23 21.44
N PHE A 242 10.54 -13.84 21.73
CA PHE A 242 10.66 -15.27 21.45
C PHE A 242 10.12 -16.13 22.57
N GLN A 243 10.11 -15.66 23.81
CA GLN A 243 9.44 -16.50 24.78
C GLN A 243 7.95 -16.51 24.57
N TRP A 244 7.38 -15.45 24.03
CA TRP A 244 5.94 -15.50 23.79
C TRP A 244 5.65 -16.38 22.61
N LEU A 245 6.49 -16.37 21.60
CA LEU A 245 6.26 -17.20 20.42
C LEU A 245 6.48 -18.66 20.78
N THR A 246 7.66 -18.91 21.32
CA THR A 246 8.12 -20.18 21.85
C THR A 246 7.66 -20.37 23.30
N THR A 247 6.36 -20.41 23.52
CA THR A 247 5.85 -20.17 24.86
C THR A 247 6.39 -21.21 25.79
N GLY A 248 6.82 -20.78 26.96
CA GLY A 248 6.80 -19.38 27.32
C GLY A 248 6.08 -19.05 28.62
N ASP A 249 6.80 -18.36 29.50
CA ASP A 249 6.24 -17.88 30.75
C ASP A 249 5.66 -16.49 30.57
N ILE A 250 5.17 -16.15 29.38
CA ILE A 250 4.69 -14.79 29.16
C ILE A 250 3.18 -14.77 28.97
N HIS A 251 2.49 -13.89 29.70
CA HIS A 251 1.06 -13.74 29.47
C HIS A 251 0.62 -12.30 29.66
N LEU A 252 0.11 -11.71 28.58
CA LEU A 252 -0.32 -10.32 28.59
C LEU A 252 -1.58 -10.11 29.43
N THR B 12 -22.66 -3.61 -25.10
CA THR B 12 -22.73 -5.07 -25.06
C THR B 12 -21.84 -5.66 -23.97
N ILE B 13 -22.26 -6.79 -23.40
CA ILE B 13 -21.53 -7.49 -22.34
C ILE B 13 -21.09 -8.85 -22.82
N LEU B 14 -19.90 -9.29 -22.40
CA LEU B 14 -19.29 -10.46 -23.02
C LEU B 14 -18.89 -11.52 -22.00
N PHE B 15 -19.43 -12.73 -22.17
CA PHE B 15 -19.12 -13.86 -21.28
C PHE B 15 -18.06 -14.76 -21.87
N ASN B 16 -17.18 -15.27 -21.02
CA ASN B 16 -16.02 -16.03 -21.49
C ASN B 16 -16.30 -17.52 -21.45
N ALA B 17 -15.74 -18.27 -22.41
CA ALA B 17 -15.97 -19.71 -22.46
C ALA B 17 -14.73 -20.49 -22.87
N TYR B 18 -13.66 -19.76 -23.18
CA TYR B 18 -12.44 -20.34 -23.74
C TYR B 18 -11.56 -21.03 -22.68
N LYS B 19 -11.78 -20.66 -21.42
CA LYS B 19 -10.98 -21.20 -20.32
C LYS B 19 -11.69 -22.28 -19.51
N LYS B 20 -12.59 -23.02 -20.15
CA LYS B 20 -13.33 -24.13 -19.52
C LYS B 20 -14.18 -23.72 -18.32
N GLU B 21 -14.87 -22.59 -18.44
CA GLU B 21 -15.72 -22.06 -17.38
C GLU B 21 -16.75 -23.04 -16.85
N VAL B 22 -17.11 -22.85 -15.58
CA VAL B 22 -18.16 -23.65 -14.96
C VAL B 22 -19.47 -23.11 -15.44
N PHE B 23 -19.54 -21.80 -15.61
CA PHE B 23 -20.73 -21.18 -16.15
C PHE B 23 -20.44 -20.43 -17.44
N THR B 24 -21.15 -20.83 -18.49
CA THR B 24 -21.12 -20.15 -19.77
C THR B 24 -22.56 -19.84 -20.11
N THR B 25 -22.81 -19.25 -21.27
CA THR B 25 -24.17 -18.83 -21.55
C THR B 25 -25.09 -19.99 -21.94
N ASN B 26 -24.51 -21.13 -22.28
CA ASN B 26 -25.31 -22.30 -22.66
C ASN B 26 -26.01 -22.99 -21.49
N THR B 27 -25.45 -22.87 -20.28
CA THR B 27 -26.02 -23.53 -19.12
C THR B 27 -25.96 -22.61 -17.91
N GLY B 28 -26.46 -23.08 -16.78
CA GLY B 28 -26.23 -22.40 -15.53
C GLY B 28 -26.83 -21.01 -15.49
N THR B 29 -26.02 -20.01 -15.80
CA THR B 29 -26.41 -18.62 -15.58
C THR B 29 -27.45 -18.16 -16.59
N LYS B 30 -28.60 -18.83 -16.61
CA LYS B 30 -29.64 -18.47 -17.56
C LYS B 30 -30.54 -17.34 -17.08
N SER B 31 -30.97 -17.38 -15.82
CA SER B 31 -31.93 -16.40 -15.37
C SER B 31 -31.30 -15.04 -15.17
N LEU B 32 -29.99 -15.03 -15.01
CA LEU B 32 -29.31 -13.75 -14.91
C LEU B 32 -29.39 -13.08 -16.25
N GLN B 33 -29.14 -13.84 -17.32
CA GLN B 33 -29.14 -13.27 -18.65
C GLN B 33 -30.48 -12.64 -18.99
N LYS B 34 -31.57 -13.29 -18.57
CA LYS B 34 -32.91 -12.79 -18.82
C LYS B 34 -33.12 -11.42 -18.19
N ARG B 35 -32.43 -11.15 -17.09
CA ARG B 35 -32.60 -9.88 -16.41
C ARG B 35 -31.64 -8.86 -17.01
N LEU B 36 -30.81 -9.34 -17.94
CA LEU B 36 -29.78 -8.52 -18.55
C LEU B 36 -30.08 -8.20 -20.02
N ARG B 37 -30.68 -9.14 -20.74
CA ARG B 37 -30.90 -8.94 -22.16
C ARG B 37 -31.84 -7.77 -22.44
N SER B 38 -32.38 -7.17 -21.37
CA SER B 38 -33.20 -5.97 -21.52
C SER B 38 -32.36 -4.77 -21.95
N ASN B 39 -31.25 -4.55 -21.27
CA ASN B 39 -30.40 -3.42 -21.60
C ASN B 39 -29.07 -3.77 -22.22
N TRP B 40 -28.83 -5.04 -22.52
CA TRP B 40 -27.49 -5.42 -22.99
C TRP B 40 -27.50 -6.56 -23.99
N LYS B 41 -26.41 -6.62 -24.76
CA LYS B 41 -26.23 -7.66 -25.75
C LYS B 41 -25.29 -8.70 -25.20
N ILE B 42 -25.87 -9.81 -24.77
CA ILE B 42 -25.09 -10.86 -24.16
C ILE B 42 -24.43 -11.70 -25.24
N GLN B 43 -23.12 -11.74 -25.25
CA GLN B 43 -22.44 -12.57 -26.25
C GLN B 43 -21.33 -13.41 -25.65
N SER B 44 -21.24 -14.65 -26.10
CA SER B 44 -20.18 -15.54 -25.63
C SER B 44 -18.88 -15.25 -26.32
N LEU B 45 -17.82 -15.83 -25.82
CA LEU B 45 -16.51 -15.73 -26.42
C LEU B 45 -15.89 -17.12 -26.34
N LYS B 46 -15.97 -17.89 -27.42
CA LYS B 46 -15.57 -19.28 -27.38
C LYS B 46 -14.13 -19.56 -27.80
N ASP B 47 -13.59 -18.73 -28.68
CA ASP B 47 -12.22 -18.94 -29.15
C ASP B 47 -11.56 -17.64 -29.58
N GLU B 48 -11.02 -16.92 -28.59
CA GLU B 48 -10.30 -15.67 -28.84
C GLU B 48 -9.71 -15.13 -27.54
N ILE B 49 -8.53 -14.56 -27.63
CA ILE B 49 -7.87 -13.98 -26.48
C ILE B 49 -7.20 -12.70 -26.96
N THR B 50 -7.95 -11.93 -27.76
CA THR B 50 -7.43 -10.73 -28.39
C THR B 50 -8.09 -9.41 -27.99
N SER B 51 -7.26 -8.41 -27.75
CA SER B 51 -7.68 -7.09 -27.30
C SER B 51 -8.68 -6.42 -28.23
N GLU B 52 -8.54 -6.73 -29.52
CA GLU B 52 -9.45 -6.19 -30.51
C GLU B 52 -10.87 -6.70 -30.30
N LYS B 53 -11.01 -7.97 -29.93
CA LYS B 53 -12.34 -8.56 -29.80
C LYS B 53 -13.18 -7.80 -28.81
N LEU B 54 -12.54 -7.32 -27.76
CA LEU B 54 -13.23 -6.63 -26.67
C LEU B 54 -13.50 -5.13 -26.87
N ILE B 55 -13.43 -4.65 -28.11
CA ILE B 55 -13.51 -3.20 -28.33
C ILE B 55 -14.86 -2.61 -27.93
N GLY B 56 -15.95 -3.24 -28.34
CA GLY B 56 -17.26 -2.70 -28.06
C GLY B 56 -17.74 -3.00 -26.65
N VAL B 57 -17.18 -4.05 -26.06
CA VAL B 57 -17.68 -4.62 -24.79
C VAL B 57 -17.66 -3.65 -23.61
N LYS B 58 -18.76 -3.62 -22.87
CA LYS B 58 -18.88 -2.76 -21.69
C LYS B 58 -18.45 -3.49 -20.42
N LEU B 59 -18.52 -4.82 -20.44
CA LEU B 59 -18.10 -5.63 -19.28
C LEU B 59 -17.73 -7.04 -19.68
N TRP B 60 -16.62 -7.54 -19.16
CA TRP B 60 -16.18 -8.89 -19.47
C TRP B 60 -16.41 -9.72 -18.24
N ILE B 61 -16.82 -10.97 -18.39
CA ILE B 61 -17.13 -11.79 -17.23
C ILE B 61 -16.59 -13.19 -17.35
N THR B 62 -15.92 -13.69 -16.33
CA THR B 62 -15.54 -15.09 -16.27
C THR B 62 -16.11 -15.76 -15.05
N ALA B 63 -17.10 -16.63 -15.24
CA ALA B 63 -17.70 -17.31 -14.13
C ALA B 63 -17.02 -18.66 -13.88
N GLY B 64 -16.04 -18.65 -12.99
CA GLY B 64 -15.34 -19.85 -12.57
C GLY B 64 -14.54 -20.59 -13.60
N PRO B 65 -13.44 -19.97 -14.09
CA PRO B 65 -12.57 -20.62 -15.05
C PRO B 65 -11.92 -21.85 -14.46
N ARG B 66 -11.52 -22.79 -15.30
CA ARG B 66 -10.83 -23.99 -14.82
C ARG B 66 -9.53 -24.23 -15.57
N GLU B 67 -9.14 -23.29 -16.43
CA GLU B 67 -7.87 -23.38 -17.14
C GLU B 67 -7.02 -22.16 -16.84
N LYS B 68 -5.71 -22.33 -16.88
CA LYS B 68 -4.78 -21.24 -16.60
C LYS B 68 -4.76 -20.21 -17.72
N PHE B 69 -4.24 -19.02 -17.42
CA PHE B 69 -4.06 -17.98 -18.42
C PHE B 69 -2.56 -17.85 -18.70
N THR B 70 -2.16 -17.33 -19.86
CA THR B 70 -0.74 -17.04 -20.07
C THR B 70 -0.61 -15.54 -20.21
N ALA B 71 0.53 -15.00 -19.77
CA ALA B 71 0.71 -13.56 -19.58
C ALA B 71 0.38 -12.74 -20.80
N ALA B 72 0.33 -13.39 -21.95
CA ALA B 72 -0.11 -12.67 -23.13
C ALA B 72 -1.53 -12.22 -22.86
N GLU B 73 -2.37 -13.17 -22.48
CA GLU B 73 -3.77 -12.88 -22.17
C GLU B 73 -3.91 -11.83 -21.08
N PHE B 74 -3.09 -11.96 -20.03
CA PHE B 74 -3.12 -11.02 -18.91
C PHE B 74 -2.82 -9.58 -19.32
N GLU B 75 -1.79 -9.40 -20.17
CA GLU B 75 -1.36 -8.07 -20.58
C GLU B 75 -2.51 -7.40 -21.32
N VAL B 76 -3.18 -8.20 -22.14
CA VAL B 76 -4.37 -7.77 -22.86
C VAL B 76 -5.40 -7.19 -21.91
N LEU B 77 -5.50 -7.82 -20.75
CA LEU B 77 -6.54 -7.53 -19.79
C LEU B 77 -6.24 -6.34 -18.90
N LYS B 78 -5.00 -6.26 -18.42
CA LYS B 78 -4.58 -5.09 -17.65
C LYS B 78 -4.82 -3.86 -18.50
N LYS B 79 -4.63 -4.03 -19.81
CA LYS B 79 -4.94 -2.99 -20.77
C LYS B 79 -6.42 -2.64 -20.73
N TYR B 80 -7.26 -3.65 -20.97
CA TYR B 80 -8.71 -3.41 -21.03
C TYR B 80 -9.25 -2.79 -19.76
N LEU B 81 -8.68 -3.15 -18.62
CA LEU B 81 -9.16 -2.59 -17.37
C LEU B 81 -8.67 -1.17 -17.23
N ASP B 82 -7.41 -0.95 -17.58
CA ASP B 82 -6.84 0.38 -17.52
C ASP B 82 -7.36 1.25 -18.67
N SER B 83 -8.02 0.62 -19.63
CA SER B 83 -8.61 1.35 -20.74
C SER B 83 -9.94 1.93 -20.31
N GLY B 84 -10.35 1.58 -19.10
CA GLY B 84 -11.65 1.97 -18.60
C GLY B 84 -12.70 0.89 -18.80
N GLY B 85 -12.28 -0.27 -19.28
CA GLY B 85 -13.21 -1.37 -19.42
C GLY B 85 -13.64 -1.88 -18.06
N ASP B 86 -14.58 -2.83 -18.02
CA ASP B 86 -15.05 -3.35 -16.75
C ASP B 86 -14.85 -4.86 -16.73
N ILE B 87 -14.60 -5.41 -15.56
CA ILE B 87 -14.34 -6.84 -15.45
C ILE B 87 -15.02 -7.38 -14.20
N LEU B 88 -15.39 -8.65 -14.22
CA LEU B 88 -15.98 -9.31 -13.07
C LEU B 88 -15.49 -10.73 -13.04
N VAL B 89 -14.85 -11.12 -11.95
CA VAL B 89 -14.32 -12.47 -11.87
C VAL B 89 -15.00 -13.23 -10.73
N MET B 90 -15.50 -14.41 -11.01
CA MET B 90 -16.15 -15.22 -9.99
C MET B 90 -15.50 -16.58 -9.90
N LEU B 91 -14.90 -16.90 -8.77
CA LEU B 91 -14.31 -18.20 -8.55
C LEU B 91 -14.94 -18.86 -7.35
N GLY B 92 -14.78 -20.17 -7.18
CA GLY B 92 -15.59 -20.87 -6.21
C GLY B 92 -14.87 -21.34 -4.97
N GLU B 93 -15.57 -22.13 -4.16
CA GLU B 93 -14.98 -22.81 -3.02
C GLU B 93 -13.64 -23.38 -3.41
N GLY B 94 -12.63 -23.15 -2.59
CA GLY B 94 -11.36 -23.78 -2.84
C GLY B 94 -10.46 -22.97 -3.74
N GLY B 95 -11.01 -21.95 -4.37
CA GLY B 95 -10.21 -20.98 -5.10
C GLY B 95 -9.32 -21.55 -6.18
N GLU B 96 -8.25 -20.83 -6.49
CA GLU B 96 -7.38 -21.21 -7.58
C GLU B 96 -6.79 -22.60 -7.45
N SER B 97 -7.02 -23.28 -6.33
CA SER B 97 -6.42 -24.58 -6.12
C SER B 97 -7.38 -25.75 -6.33
N ARG B 98 -8.66 -25.45 -6.51
CA ARG B 98 -9.63 -26.50 -6.84
C ARG B 98 -10.22 -26.15 -8.17
N PHE B 99 -9.90 -24.95 -8.64
CA PHE B 99 -10.40 -24.45 -9.90
C PHE B 99 -9.32 -24.35 -10.96
N ASP B 100 -8.06 -24.59 -10.59
CA ASP B 100 -6.96 -24.62 -11.55
C ASP B 100 -6.82 -23.42 -12.45
N THR B 101 -6.63 -22.22 -11.89
CA THR B 101 -6.37 -21.06 -12.73
C THR B 101 -5.43 -20.09 -12.06
N ASN B 102 -4.65 -19.39 -12.86
CA ASN B 102 -3.70 -18.44 -12.33
C ASN B 102 -4.36 -17.08 -12.30
N ILE B 103 -5.65 -17.06 -12.01
CA ILE B 103 -6.42 -15.82 -12.05
C ILE B 103 -5.97 -14.83 -10.99
N ASN B 104 -5.39 -15.31 -9.90
CA ASN B 104 -4.93 -14.41 -8.84
C ASN B 104 -3.89 -13.42 -9.33
N PHE B 105 -2.99 -13.89 -10.18
CA PHE B 105 -1.87 -13.10 -10.70
C PHE B 105 -2.36 -11.81 -11.32
N LEU B 106 -3.56 -11.83 -11.86
CA LEU B 106 -4.13 -10.62 -12.43
C LEU B 106 -4.76 -9.73 -11.36
N LEU B 107 -5.44 -10.34 -10.40
CA LEU B 107 -6.21 -9.56 -9.44
C LEU B 107 -5.36 -8.97 -8.36
N GLU B 108 -4.33 -9.72 -7.97
CA GLU B 108 -3.48 -9.37 -6.86
C GLU B 108 -2.83 -8.00 -6.97
N GLU B 109 -2.56 -7.56 -8.19
CA GLU B 109 -1.94 -6.27 -8.41
C GLU B 109 -2.95 -5.17 -8.14
N TYR B 110 -4.23 -5.53 -8.13
CA TYR B 110 -5.28 -4.54 -7.91
C TYR B 110 -5.81 -4.66 -6.50
N GLY B 111 -5.17 -5.52 -5.72
CA GLY B 111 -5.43 -5.62 -4.30
C GLY B 111 -6.41 -6.65 -3.81
N ILE B 112 -6.88 -7.50 -4.71
CA ILE B 112 -7.80 -8.57 -4.37
C ILE B 112 -7.11 -9.89 -4.59
N MET B 113 -7.36 -10.87 -3.74
CA MET B 113 -6.78 -12.18 -3.93
C MET B 113 -7.67 -13.27 -3.40
N VAL B 114 -8.04 -14.21 -4.25
CA VAL B 114 -9.00 -15.23 -3.85
C VAL B 114 -8.34 -16.36 -3.09
N ASN B 115 -8.65 -16.50 -1.81
CA ASN B 115 -8.01 -17.53 -1.00
C ASN B 115 -8.51 -18.93 -1.27
N ASN B 116 -8.02 -19.91 -0.51
CA ASN B 116 -8.36 -21.31 -0.73
C ASN B 116 -9.14 -21.89 0.40
N ASP B 117 -10.37 -21.46 0.61
CA ASP B 117 -11.15 -21.98 1.71
C ASP B 117 -12.59 -22.07 1.33
N ALA B 118 -13.39 -22.68 2.15
CA ALA B 118 -14.80 -22.72 1.85
C ALA B 118 -15.54 -22.03 2.94
N VAL B 119 -16.51 -21.20 2.57
CA VAL B 119 -17.35 -20.58 3.56
C VAL B 119 -18.40 -21.58 3.93
N VAL B 120 -18.60 -21.83 5.22
CA VAL B 120 -19.68 -22.71 5.62
C VAL B 120 -20.46 -22.10 6.77
N ARG B 121 -21.68 -22.58 6.97
CA ARG B 121 -22.53 -22.17 8.09
C ARG B 121 -22.74 -23.44 8.86
N ASN B 122 -21.84 -23.74 9.80
CA ASN B 122 -21.88 -25.04 10.45
C ASN B 122 -22.91 -25.24 11.56
N VAL B 123 -24.11 -24.70 11.38
CA VAL B 123 -25.21 -24.84 12.33
C VAL B 123 -26.53 -25.00 11.57
N TYR B 124 -27.54 -25.53 12.22
CA TYR B 124 -28.79 -25.88 11.56
C TYR B 124 -29.50 -24.68 10.94
N TYR B 125 -30.17 -24.84 9.78
CA TYR B 125 -31.03 -23.77 9.26
C TYR B 125 -32.29 -24.19 8.38
N LYS B 126 -32.23 -23.90 7.09
CA LYS B 126 -33.17 -24.40 6.07
C LYS B 126 -32.43 -24.27 4.72
N TYR B 127 -31.12 -24.43 4.81
CA TYR B 127 -30.23 -24.53 3.67
C TYR B 127 -29.38 -25.80 3.66
N PHE B 128 -29.37 -26.46 2.49
CA PHE B 128 -29.35 -27.93 2.30
C PHE B 128 -28.16 -28.55 2.88
N HIS B 129 -27.07 -27.85 2.63
CA HIS B 129 -25.83 -28.03 3.34
C HIS B 129 -25.53 -26.79 4.16
N PRO B 130 -24.60 -26.93 5.08
CA PRO B 130 -23.94 -25.76 5.62
C PRO B 130 -23.17 -25.07 4.51
N LYS B 131 -22.80 -25.76 3.44
CA LYS B 131 -21.97 -25.11 2.44
C LYS B 131 -22.75 -24.05 1.69
N GLU B 132 -24.04 -24.02 1.90
CA GLU B 132 -24.90 -22.96 1.39
C GLU B 132 -24.97 -21.90 2.45
N ALA B 133 -23.97 -21.07 2.56
CA ALA B 133 -23.92 -20.22 3.73
C ALA B 133 -24.98 -19.15 3.67
N LEU B 134 -25.73 -19.00 4.75
CA LEU B 134 -26.73 -17.96 4.83
C LEU B 134 -26.21 -16.93 5.74
N VAL B 135 -26.00 -15.73 5.23
CA VAL B 135 -25.31 -14.71 6.00
C VAL B 135 -26.18 -13.52 6.34
N SER B 136 -26.55 -13.40 7.60
CA SER B 136 -27.51 -12.38 7.97
C SER B 136 -26.98 -10.98 7.97
N ASP B 137 -25.70 -10.81 8.25
CA ASP B 137 -25.12 -9.50 8.44
C ASP B 137 -23.85 -9.30 7.65
N GLY B 138 -23.94 -9.51 6.35
CA GLY B 138 -22.77 -9.46 5.53
C GLY B 138 -22.56 -8.14 4.87
N VAL B 139 -23.53 -7.25 4.91
CA VAL B 139 -23.36 -5.98 4.22
C VAL B 139 -22.26 -5.21 4.90
N LEU B 140 -21.31 -4.71 4.13
CA LEU B 140 -20.23 -3.97 4.72
C LEU B 140 -20.50 -2.53 4.47
N ASN B 141 -20.69 -2.19 3.21
CA ASN B 141 -20.82 -0.81 2.81
C ASN B 141 -22.23 -0.26 2.92
N ARG B 142 -22.32 1.01 3.31
CA ARG B 142 -23.62 1.61 3.61
C ARG B 142 -24.40 1.81 2.32
N GLU B 143 -23.69 2.24 1.28
CA GLU B 143 -24.29 2.61 0.00
C GLU B 143 -24.84 1.41 -0.77
N ILE B 144 -24.41 0.20 -0.43
CA ILE B 144 -24.93 -1.00 -1.09
C ILE B 144 -26.36 -1.23 -0.63
N SER B 145 -26.82 -0.44 0.33
CA SER B 145 -28.24 -0.40 0.58
C SER B 145 -28.85 0.47 -0.53
N ARG B 146 -28.66 -0.01 -1.77
CA ARG B 146 -29.29 0.51 -2.98
C ARG B 146 -30.64 -0.13 -3.27
N ALA B 147 -30.95 -1.21 -2.56
CA ALA B 147 -32.34 -1.62 -2.41
C ALA B 147 -32.88 -0.86 -1.19
N ALA B 148 -34.15 -1.05 -0.86
CA ALA B 148 -34.76 -0.31 0.23
C ALA B 148 -34.18 -0.73 1.58
N ALA B 165 -28.54 -2.13 9.62
CA ALA B 165 -27.72 -1.45 8.62
C ALA B 165 -26.29 -1.35 9.13
N GLN B 166 -25.60 -2.48 9.20
CA GLN B 166 -25.69 -3.49 8.16
C GLN B 166 -26.27 -4.88 8.39
N ALA B 167 -27.59 -4.98 8.22
CA ALA B 167 -28.29 -6.24 8.12
C ALA B 167 -29.09 -6.28 6.77
N LEU B 168 -28.73 -7.24 5.93
CA LEU B 168 -29.35 -7.53 4.62
C LEU B 168 -29.05 -9.00 4.28
N THR B 169 -30.03 -9.85 4.09
CA THR B 169 -29.74 -11.29 4.06
C THR B 169 -29.50 -11.83 2.66
N PHE B 170 -28.48 -12.68 2.48
CA PHE B 170 -28.24 -13.36 1.21
C PHE B 170 -27.67 -14.75 1.38
N VAL B 171 -27.72 -15.58 0.35
CA VAL B 171 -27.21 -16.95 0.44
C VAL B 171 -25.98 -17.13 -0.40
N TYR B 172 -24.91 -17.60 0.22
CA TYR B 172 -23.60 -17.65 -0.38
C TYR B 172 -23.11 -19.08 -0.58
N PRO B 173 -23.37 -19.67 -1.76
CA PRO B 173 -23.16 -21.07 -2.03
C PRO B 173 -21.79 -21.42 -2.49
N PHE B 174 -21.14 -22.34 -1.82
CA PHE B 174 -19.96 -22.96 -2.39
C PHE B 174 -18.89 -21.99 -2.80
N GLY B 175 -18.40 -21.19 -1.86
CA GLY B 175 -17.48 -20.13 -2.21
C GLY B 175 -16.26 -19.99 -1.35
N ALA B 176 -15.33 -19.17 -1.80
CA ALA B 176 -14.14 -18.92 -1.02
C ALA B 176 -14.14 -17.47 -0.63
N THR B 177 -13.25 -17.09 0.27
CA THR B 177 -13.18 -15.72 0.74
C THR B 177 -12.07 -14.96 0.08
N LEU B 178 -12.23 -13.66 -0.05
CA LEU B 178 -11.18 -12.87 -0.64
C LEU B 178 -10.32 -12.27 0.42
N SER B 179 -9.01 -12.23 0.22
CA SER B 179 -8.19 -11.36 1.03
C SER B 179 -8.21 -10.08 0.25
N VAL B 180 -8.66 -9.00 0.87
CA VAL B 180 -8.81 -7.74 0.18
C VAL B 180 -8.09 -6.63 0.83
N MET B 181 -7.21 -5.94 0.13
CA MET B 181 -6.57 -4.75 0.68
C MET B 181 -6.52 -3.66 -0.39
N LYS B 182 -6.32 -2.41 0.04
CA LYS B 182 -6.34 -1.25 -0.85
C LYS B 182 -5.45 -1.44 -2.05
N PRO B 183 -5.83 -0.83 -3.19
CA PRO B 183 -6.89 0.14 -3.46
C PRO B 183 -8.28 -0.45 -3.56
N ALA B 184 -8.37 -1.77 -3.63
CA ALA B 184 -9.66 -2.45 -3.70
C ALA B 184 -10.41 -2.33 -2.39
N VAL B 185 -11.73 -2.47 -2.43
CA VAL B 185 -12.51 -2.30 -1.23
C VAL B 185 -13.51 -3.43 -1.06
N ALA B 186 -13.56 -4.02 0.13
CA ALA B 186 -14.47 -5.13 0.39
C ALA B 186 -15.82 -4.57 0.74
N VAL B 187 -16.87 -5.19 0.24
CA VAL B 187 -18.21 -4.70 0.52
C VAL B 187 -19.23 -5.74 0.97
N LEU B 188 -18.87 -7.01 0.95
CA LEU B 188 -19.73 -8.00 1.55
C LEU B 188 -18.83 -8.95 2.32
N SER B 189 -19.27 -9.41 3.47
CA SER B 189 -18.45 -10.25 4.30
C SER B 189 -19.21 -11.51 4.61
N THR B 190 -18.54 -12.52 5.14
CA THR B 190 -19.23 -13.73 5.49
C THR B 190 -20.09 -13.55 6.72
N GLY B 191 -19.98 -12.45 7.42
CA GLY B 191 -20.96 -12.28 8.45
C GLY B 191 -20.34 -12.62 9.76
N SER B 192 -21.16 -12.84 10.76
CA SER B 192 -20.65 -13.16 12.07
C SER B 192 -20.91 -14.58 12.51
N VAL B 193 -21.47 -15.42 11.65
CA VAL B 193 -21.81 -16.79 12.04
C VAL B 193 -21.30 -17.84 11.08
N CYS B 194 -20.45 -17.47 10.15
CA CYS B 194 -19.98 -18.44 9.19
C CYS B 194 -18.52 -18.59 9.41
N PHE B 195 -17.92 -19.61 8.83
CA PHE B 195 -16.50 -19.78 9.06
C PHE B 195 -15.81 -19.70 7.73
N PRO B 196 -14.85 -18.81 7.58
CA PRO B 196 -14.27 -17.84 8.50
C PRO B 196 -15.20 -16.71 8.86
N LEU B 197 -15.14 -16.23 10.09
CA LEU B 197 -16.01 -15.14 10.47
C LEU B 197 -15.48 -13.89 9.84
N ASN B 198 -16.38 -13.04 9.39
CA ASN B 198 -16.09 -11.68 8.94
C ASN B 198 -14.97 -11.47 7.95
N ARG B 199 -14.77 -12.37 7.02
CA ARG B 199 -13.75 -12.16 6.01
C ARG B 199 -14.44 -11.78 4.73
N PRO B 200 -13.86 -10.86 3.96
CA PRO B 200 -14.49 -10.29 2.77
C PRO B 200 -14.89 -11.35 1.84
N ILE B 201 -15.87 -11.07 1.01
CA ILE B 201 -16.38 -12.08 0.12
C ILE B 201 -16.70 -11.51 -1.24
N LEU B 202 -16.70 -10.19 -1.34
CA LEU B 202 -16.88 -9.52 -2.61
C LEU B 202 -16.22 -8.18 -2.54
N ALA B 203 -15.35 -7.87 -3.49
CA ALA B 203 -14.53 -6.67 -3.42
C ALA B 203 -14.56 -5.84 -4.69
N PHE B 204 -14.42 -4.53 -4.58
CA PHE B 204 -14.54 -3.62 -5.71
C PHE B 204 -13.27 -2.81 -5.97
N TYR B 205 -13.09 -2.36 -7.20
CA TYR B 205 -11.98 -1.47 -7.59
C TYR B 205 -12.44 -0.41 -8.58
N HIS B 206 -12.40 0.86 -8.18
CA HIS B 206 -12.96 1.92 -9.02
C HIS B 206 -11.94 2.87 -9.62
N SER B 207 -10.73 2.88 -9.06
CA SER B 207 -9.88 4.07 -9.12
C SER B 207 -9.61 4.70 -10.49
N LYS B 208 -9.39 6.00 -10.43
CA LYS B 208 -8.89 6.80 -11.53
C LYS B 208 -7.38 6.53 -11.63
N ASN B 209 -6.71 6.95 -12.71
CA ASN B 209 -7.31 7.57 -13.88
C ASN B 209 -7.24 6.69 -15.11
N GLN B 210 -8.00 5.61 -15.10
CA GLN B 210 -8.10 4.73 -16.29
C GLN B 210 -8.67 5.34 -17.59
N GLY B 211 -9.76 6.10 -17.56
CA GLY B 211 -10.36 6.68 -16.37
C GLY B 211 -11.57 5.91 -15.90
N PHE B 212 -11.72 5.82 -14.59
CA PHE B 212 -12.84 5.16 -13.94
C PHE B 212 -13.04 3.74 -14.47
N GLY B 213 -11.94 2.99 -14.58
CA GLY B 213 -12.01 1.58 -14.88
C GLY B 213 -12.49 0.85 -13.64
N LYS B 214 -13.26 -0.22 -13.79
CA LYS B 214 -13.86 -0.92 -12.65
C LYS B 214 -13.75 -2.45 -12.65
N LEU B 215 -13.27 -2.99 -11.54
CA LEU B 215 -13.16 -4.43 -11.27
C LEU B 215 -14.00 -4.86 -10.09
N ALA B 216 -14.66 -6.02 -10.20
CA ALA B 216 -15.43 -6.58 -9.11
C ALA B 216 -15.20 -8.07 -9.04
N VAL B 217 -14.74 -8.55 -7.90
CA VAL B 217 -14.46 -9.97 -7.72
C VAL B 217 -15.43 -10.60 -6.76
N LEU B 218 -16.01 -11.75 -7.11
CA LEU B 218 -16.92 -12.42 -6.19
C LEU B 218 -16.37 -13.80 -5.86
N GLY B 219 -16.55 -14.18 -4.61
CA GLY B 219 -15.96 -15.40 -4.10
C GLY B 219 -16.68 -16.67 -4.46
N SER B 220 -17.80 -16.59 -5.16
CA SER B 220 -18.46 -17.80 -5.63
C SER B 220 -19.44 -17.65 -6.77
N CYS B 221 -19.23 -18.45 -7.79
CA CYS B 221 -19.94 -18.29 -9.04
C CYS B 221 -21.36 -18.76 -8.93
N HIS B 222 -21.61 -19.71 -8.03
CA HIS B 222 -22.92 -20.34 -7.94
C HIS B 222 -23.97 -19.40 -7.40
N MET B 223 -23.53 -18.33 -6.77
CA MET B 223 -24.45 -17.41 -6.14
C MET B 223 -25.44 -16.89 -7.13
N PHE B 224 -25.07 -16.88 -8.40
CA PHE B 224 -25.94 -16.28 -9.39
C PHE B 224 -26.56 -17.26 -10.38
N SER B 225 -26.28 -18.55 -10.21
CA SER B 225 -26.88 -19.53 -11.10
C SER B 225 -28.37 -19.55 -10.84
N ASP B 226 -29.13 -20.26 -11.65
CA ASP B 226 -30.58 -20.35 -11.43
C ASP B 226 -30.92 -21.02 -10.11
N GLN B 227 -30.05 -21.92 -9.68
CA GLN B 227 -30.28 -22.68 -8.46
C GLN B 227 -30.43 -21.82 -7.22
N TYR B 228 -29.72 -20.69 -7.17
CA TYR B 228 -29.59 -19.87 -5.96
C TYR B 228 -29.91 -18.41 -6.15
N LEU B 229 -30.03 -17.97 -7.38
CA LEU B 229 -30.24 -16.55 -7.62
C LEU B 229 -31.56 -16.10 -7.03
N ASP B 230 -32.58 -16.93 -7.07
CA ASP B 230 -33.87 -16.52 -6.56
C ASP B 230 -33.79 -16.26 -5.08
N LYS B 231 -32.91 -16.99 -4.41
CA LYS B 231 -32.97 -17.18 -2.96
C LYS B 231 -32.56 -15.98 -2.13
N GLU B 232 -33.23 -15.82 -1.00
CA GLU B 232 -33.00 -14.75 -0.04
C GLU B 232 -32.30 -13.49 -0.50
N GLU B 233 -32.87 -12.71 -1.40
CA GLU B 233 -32.27 -11.42 -1.74
C GLU B 233 -30.92 -11.49 -2.42
N ASN B 234 -30.52 -12.64 -2.94
CA ASN B 234 -29.37 -12.69 -3.81
C ASN B 234 -29.63 -11.82 -5.00
N SER B 235 -30.88 -11.83 -5.45
CA SER B 235 -31.27 -11.08 -6.61
C SER B 235 -30.96 -9.62 -6.39
N LYS B 236 -31.29 -9.11 -5.21
CA LYS B 236 -31.02 -7.71 -4.91
C LYS B 236 -29.53 -7.46 -4.90
N ILE B 237 -28.76 -8.43 -4.45
CA ILE B 237 -27.30 -8.28 -4.40
C ILE B 237 -26.73 -8.14 -5.78
N MET B 238 -27.11 -9.06 -6.66
CA MET B 238 -26.62 -9.04 -8.03
C MET B 238 -26.93 -7.75 -8.77
N ASP B 239 -28.18 -7.30 -8.70
CA ASP B 239 -28.57 -6.08 -9.39
C ASP B 239 -27.57 -4.98 -9.07
N VAL B 240 -27.15 -4.88 -7.82
CA VAL B 240 -26.21 -3.85 -7.42
C VAL B 240 -24.84 -4.07 -7.98
N VAL B 241 -24.38 -5.31 -7.97
CA VAL B 241 -23.08 -5.62 -8.53
C VAL B 241 -23.04 -5.26 -10.00
N PHE B 242 -24.13 -5.49 -10.72
CA PHE B 242 -24.13 -5.17 -12.15
C PHE B 242 -24.46 -3.71 -12.37
N GLN B 243 -25.16 -3.11 -11.42
CA GLN B 243 -25.41 -1.68 -11.51
C GLN B 243 -24.14 -0.89 -11.25
N TRP B 244 -23.24 -1.43 -10.44
CA TRP B 244 -21.95 -0.77 -10.22
C TRP B 244 -20.98 -0.93 -11.36
N LEU B 245 -20.96 -2.09 -12.00
CA LEU B 245 -19.99 -2.28 -13.06
C LEU B 245 -20.35 -1.40 -14.24
N THR B 246 -21.57 -1.52 -14.73
CA THR B 246 -22.02 -0.63 -15.77
C THR B 246 -22.57 0.63 -15.12
N THR B 247 -21.71 1.34 -14.41
CA THR B 247 -22.13 2.37 -13.46
C THR B 247 -22.90 3.42 -14.22
N GLY B 248 -23.99 3.89 -13.63
CA GLY B 248 -24.42 3.42 -12.33
C GLY B 248 -24.57 4.57 -11.36
N ASP B 249 -25.67 4.61 -10.65
CA ASP B 249 -25.83 5.61 -9.61
C ASP B 249 -25.14 5.09 -8.35
N ILE B 250 -24.07 4.33 -8.55
CA ILE B 250 -23.39 3.68 -7.45
C ILE B 250 -22.03 4.32 -7.15
N HIS B 251 -21.84 4.70 -5.89
CA HIS B 251 -20.56 5.21 -5.38
C HIS B 251 -20.44 4.80 -3.92
N LEU B 252 -19.40 4.04 -3.59
CA LEU B 252 -19.23 3.50 -2.24
C LEU B 252 -18.98 4.56 -1.16
N ILE C 13 -0.31 32.35 -14.98
CA ILE C 13 0.43 31.34 -14.21
C ILE C 13 -0.52 30.18 -13.90
N LEU C 14 -0.04 28.94 -14.00
CA LEU C 14 -0.96 27.80 -13.98
C LEU C 14 -0.60 26.74 -12.96
N PHE C 15 -1.54 26.45 -12.06
CA PHE C 15 -1.35 25.44 -11.04
C PHE C 15 -2.01 24.13 -11.45
N ASN C 16 -1.38 23.01 -11.15
CA ASN C 16 -1.84 21.72 -11.64
C ASN C 16 -2.75 20.96 -10.68
N ALA C 17 -3.69 20.21 -11.26
CA ALA C 17 -4.63 19.41 -10.49
C ALA C 17 -4.84 18.09 -11.23
N TYR C 18 -4.21 17.99 -12.41
CA TYR C 18 -4.38 16.84 -13.32
C TYR C 18 -3.54 15.62 -12.92
N LYS C 19 -2.46 15.84 -12.16
CA LYS C 19 -1.62 14.71 -11.77
C LYS C 19 -1.86 14.32 -10.31
N LYS C 20 -3.06 14.60 -9.81
CA LYS C 20 -3.41 14.32 -8.43
C LYS C 20 -2.48 15.13 -7.55
N GLU C 21 -2.21 16.35 -7.97
CA GLU C 21 -1.31 17.25 -7.25
C GLU C 21 -1.77 17.48 -5.80
N VAL C 22 -0.81 17.75 -4.92
CA VAL C 22 -1.11 18.02 -3.51
C VAL C 22 -1.63 19.41 -3.25
N PHE C 23 -1.08 20.40 -3.95
CA PHE C 23 -1.56 21.75 -3.81
C PHE C 23 -2.09 22.31 -5.11
N THR C 24 -3.31 22.80 -5.08
CA THR C 24 -3.84 23.50 -6.23
C THR C 24 -4.23 24.88 -5.72
N THR C 25 -4.74 25.72 -6.61
CA THR C 25 -5.04 27.10 -6.26
C THR C 25 -6.31 27.21 -5.44
N ASN C 26 -7.12 26.16 -5.50
CA ASN C 26 -8.35 26.11 -4.74
C ASN C 26 -8.13 25.86 -3.25
N THR C 27 -7.00 25.24 -2.92
CA THR C 27 -6.72 24.84 -1.55
C THR C 27 -5.27 25.09 -1.15
N GLY C 28 -4.94 24.75 0.09
CA GLY C 28 -3.55 24.65 0.51
C GLY C 28 -2.76 25.94 0.43
N THR C 29 -2.04 26.11 -0.66
CA THR C 29 -1.10 27.22 -0.82
C THR C 29 -1.87 28.53 -1.00
N LYS C 30 -2.66 28.89 0.01
CA LYS C 30 -3.51 30.08 -0.04
C LYS C 30 -2.82 31.40 0.33
N SER C 31 -2.03 31.38 1.39
CA SER C 31 -1.40 32.62 1.86
C SER C 31 -0.21 33.06 1.02
N LEU C 32 0.38 32.13 0.28
CA LEU C 32 1.49 32.44 -0.62
C LEU C 32 1.00 33.27 -1.80
N GLN C 33 -0.15 32.89 -2.34
CA GLN C 33 -0.74 33.51 -3.52
C GLN C 33 -0.98 35.00 -3.41
N LYS C 34 -1.35 35.45 -2.20
CA LYS C 34 -1.66 36.85 -1.97
C LYS C 34 -0.49 37.72 -2.40
N ARG C 35 0.71 37.16 -2.35
CA ARG C 35 1.89 37.89 -2.75
C ARG C 35 2.15 37.71 -4.24
N LEU C 36 1.40 36.82 -4.90
CA LEU C 36 1.68 36.54 -6.31
C LEU C 36 0.61 37.00 -7.31
N ARG C 37 -0.67 36.80 -6.99
CA ARG C 37 -1.74 37.09 -7.94
C ARG C 37 -1.88 38.59 -8.25
N SER C 38 -1.12 39.39 -7.52
CA SER C 38 -1.02 40.82 -7.77
C SER C 38 -0.26 41.10 -9.05
N ASN C 39 0.86 40.40 -9.26
CA ASN C 39 1.69 40.61 -10.43
C ASN C 39 1.55 39.51 -11.48
N TRP C 40 0.61 38.59 -11.27
CA TRP C 40 0.44 37.46 -12.16
C TRP C 40 -1.01 36.99 -12.21
N LYS C 41 -1.34 36.15 -13.18
CA LYS C 41 -2.67 35.59 -13.27
C LYS C 41 -2.73 34.16 -12.76
N ILE C 42 -3.17 33.99 -11.51
CA ILE C 42 -3.25 32.66 -10.93
C ILE C 42 -4.54 31.99 -11.34
N GLN C 43 -4.45 30.90 -12.10
CA GLN C 43 -5.65 30.16 -12.51
C GLN C 43 -5.46 28.66 -12.39
N SER C 44 -6.53 27.96 -12.02
CA SER C 44 -6.45 26.52 -11.85
C SER C 44 -6.33 25.89 -13.23
N LEU C 45 -6.06 24.59 -13.29
CA LEU C 45 -5.91 23.95 -14.59
C LEU C 45 -6.62 22.61 -14.65
N LYS C 46 -7.07 22.25 -15.85
CA LYS C 46 -7.88 21.07 -16.05
C LYS C 46 -7.09 19.81 -16.39
N ASP C 47 -7.81 18.71 -16.57
CA ASP C 47 -7.21 17.43 -16.95
C ASP C 47 -6.63 17.51 -18.36
N GLU C 48 -5.48 16.86 -18.55
CA GLU C 48 -4.78 16.74 -19.84
C GLU C 48 -3.92 17.95 -20.15
N ILE C 49 -2.80 17.68 -20.80
CA ILE C 49 -1.83 18.70 -21.16
C ILE C 49 -1.95 19.04 -22.64
N THR C 50 -2.45 20.22 -22.95
CA THR C 50 -2.61 20.61 -24.35
C THR C 50 -1.68 21.77 -24.66
N SER C 51 -0.95 21.64 -25.78
CA SER C 51 0.07 22.62 -26.16
C SER C 51 -0.54 24.00 -26.28
N GLU C 52 -1.78 24.03 -26.76
CA GLU C 52 -2.55 25.25 -26.85
C GLU C 52 -2.93 25.78 -25.47
N LYS C 53 -3.33 24.87 -24.57
CA LYS C 53 -3.81 25.28 -23.26
C LYS C 53 -2.73 26.06 -22.50
N LEU C 54 -1.48 25.67 -22.70
CA LEU C 54 -0.35 26.29 -22.02
C LEU C 54 0.16 27.55 -22.75
N ILE C 55 -0.65 28.10 -23.64
CA ILE C 55 -0.19 29.21 -24.48
C ILE C 55 0.11 30.49 -23.70
N GLY C 56 -0.82 30.91 -22.85
CA GLY C 56 -0.66 32.16 -22.13
C GLY C 56 0.24 32.07 -20.92
N VAL C 57 0.32 30.86 -20.34
CA VAL C 57 1.01 30.63 -19.07
C VAL C 57 2.49 30.99 -19.15
N LYS C 58 3.00 31.73 -18.16
CA LYS C 58 4.41 32.10 -18.17
C LYS C 58 5.28 31.08 -17.43
N LEU C 59 4.68 30.37 -16.48
CA LEU C 59 5.36 29.33 -15.72
C LEU C 59 4.33 28.36 -15.18
N TRP C 60 4.61 27.07 -15.27
CA TRP C 60 3.68 26.05 -14.77
C TRP C 60 4.21 25.40 -13.49
N ILE C 61 3.30 25.06 -12.58
CA ILE C 61 3.68 24.48 -11.30
C ILE C 61 2.81 23.27 -10.98
N THR C 62 3.45 22.18 -10.56
CA THR C 62 2.75 21.03 -10.02
C THR C 62 3.22 20.75 -8.60
N ALA C 63 2.36 21.00 -7.62
CA ALA C 63 2.76 20.79 -6.25
C ALA C 63 2.50 19.37 -5.81
N GLY C 64 3.51 18.53 -5.97
CA GLY C 64 3.42 17.15 -5.53
C GLY C 64 2.43 16.33 -6.32
N PRO C 65 2.76 16.03 -7.59
CA PRO C 65 1.90 15.16 -8.39
C PRO C 65 1.84 13.74 -7.80
N ARG C 66 0.73 13.05 -8.02
CA ARG C 66 0.61 11.68 -7.54
C ARG C 66 0.11 10.76 -8.64
N GLU C 67 -0.02 11.29 -9.84
CA GLU C 67 -0.46 10.48 -10.97
C GLU C 67 0.62 10.46 -12.02
N LYS C 68 0.70 9.36 -12.74
CA LYS C 68 1.75 9.22 -13.73
C LYS C 68 1.47 10.16 -14.90
N PHE C 69 2.50 10.44 -15.67
CA PHE C 69 2.32 11.23 -16.87
C PHE C 69 2.49 10.32 -18.07
N THR C 70 1.91 10.70 -19.20
CA THR C 70 2.10 9.98 -20.44
C THR C 70 2.87 10.90 -21.39
N ALA C 71 3.64 10.33 -22.31
CA ALA C 71 4.62 11.08 -23.10
C ALA C 71 4.01 12.30 -23.81
N ALA C 72 2.68 12.31 -23.96
CA ALA C 72 2.00 13.48 -24.47
C ALA C 72 2.21 14.62 -23.51
N GLU C 73 1.87 14.39 -22.24
CA GLU C 73 2.08 15.38 -21.19
C GLU C 73 3.55 15.79 -21.18
N PHE C 74 4.44 14.81 -21.34
CA PHE C 74 5.86 15.09 -21.42
C PHE C 74 6.19 15.97 -22.63
N GLU C 75 5.62 15.61 -23.78
CA GLU C 75 5.89 16.28 -25.04
C GLU C 75 5.39 17.73 -25.10
N VAL C 76 4.22 18.01 -24.53
CA VAL C 76 3.65 19.35 -24.60
C VAL C 76 4.56 20.54 -24.26
N LEU C 77 5.34 20.41 -23.20
CA LEU C 77 6.10 21.54 -22.69
C LEU C 77 7.61 21.46 -23.00
N LYS C 78 8.05 20.26 -23.37
CA LYS C 78 9.43 20.05 -23.83
C LYS C 78 9.64 21.03 -24.97
N LYS C 79 8.54 21.26 -25.66
CA LYS C 79 8.40 22.36 -26.58
C LYS C 79 8.39 23.75 -25.91
N TYR C 80 7.43 23.99 -24.99
CA TYR C 80 7.21 25.28 -24.27
C TYR C 80 8.45 25.70 -23.51
N LEU C 81 9.16 24.68 -23.06
CA LEU C 81 10.39 24.84 -22.30
C LEU C 81 11.46 25.30 -23.26
N ASP C 82 11.42 24.75 -24.47
CA ASP C 82 12.39 25.07 -25.50
C ASP C 82 12.17 26.48 -26.05
N SER C 83 11.05 27.07 -25.67
CA SER C 83 10.73 28.44 -26.07
C SER C 83 11.42 29.46 -25.19
N GLY C 84 12.09 29.00 -24.13
CA GLY C 84 12.69 29.91 -23.17
C GLY C 84 11.68 30.12 -22.07
N GLY C 85 10.59 29.33 -22.15
CA GLY C 85 9.50 29.39 -21.18
C GLY C 85 9.94 28.97 -19.80
N ASP C 86 9.03 29.05 -18.83
CA ASP C 86 9.42 28.78 -17.46
C ASP C 86 8.63 27.65 -16.81
N ILE C 87 9.27 26.92 -15.89
CA ILE C 87 8.65 25.80 -15.18
C ILE C 87 9.10 25.70 -13.72
N LEU C 88 8.23 25.14 -12.86
CA LEU C 88 8.58 24.89 -11.45
C LEU C 88 7.96 23.59 -10.90
N VAL C 89 8.81 22.67 -10.46
CA VAL C 89 8.36 21.37 -9.97
C VAL C 89 8.68 21.16 -8.50
N MET C 90 7.67 20.78 -7.73
CA MET C 90 7.87 20.49 -6.32
C MET C 90 7.34 19.09 -5.99
N LEU C 91 8.24 18.18 -5.63
CA LEU C 91 7.82 16.85 -5.21
C LEU C 91 8.29 16.66 -3.78
N GLY C 92 7.75 15.68 -3.08
CA GLY C 92 7.88 15.72 -1.63
C GLY C 92 8.81 14.76 -0.96
N GLU C 93 8.76 14.80 0.36
CA GLU C 93 9.46 13.87 1.22
C GLU C 93 9.34 12.47 0.67
N GLY C 94 10.46 11.77 0.57
CA GLY C 94 10.43 10.39 0.12
C GLY C 94 10.54 10.27 -1.38
N GLY C 95 10.44 11.39 -2.08
CA GLY C 95 10.69 11.44 -3.50
C GLY C 95 9.84 10.52 -4.33
N GLU C 96 10.35 10.14 -5.50
CA GLU C 96 9.58 9.38 -6.47
C GLU C 96 9.01 8.07 -5.92
N SER C 97 9.39 7.70 -4.71
CA SER C 97 8.97 6.43 -4.15
C SER C 97 7.83 6.56 -3.17
N ARG C 98 7.47 7.78 -2.80
CA ARG C 98 6.33 8.01 -1.92
C ARG C 98 5.29 8.87 -2.61
N PHE C 99 5.64 9.39 -3.78
CA PHE C 99 4.73 10.22 -4.55
C PHE C 99 4.23 9.57 -5.82
N ASP C 100 4.85 8.47 -6.22
CA ASP C 100 4.43 7.67 -7.38
C ASP C 100 4.14 8.54 -8.59
N THR C 101 5.16 9.26 -9.04
CA THR C 101 5.03 10.02 -10.26
C THR C 101 6.40 9.97 -10.92
N ASN C 102 6.40 9.86 -12.23
CA ASN C 102 7.65 9.73 -12.97
C ASN C 102 8.14 11.07 -13.48
N ILE C 103 7.90 12.10 -12.69
CA ILE C 103 8.29 13.47 -13.02
C ILE C 103 9.81 13.60 -13.08
N ASN C 104 10.51 12.75 -12.35
CA ASN C 104 11.97 12.74 -12.39
C ASN C 104 12.46 12.41 -13.81
N PHE C 105 11.80 11.45 -14.44
CA PHE C 105 12.16 10.98 -15.78
C PHE C 105 12.20 12.09 -16.81
N LEU C 106 11.38 13.11 -16.60
CA LEU C 106 11.36 14.26 -17.50
C LEU C 106 12.55 15.12 -17.16
N LEU C 107 12.87 15.16 -15.88
CA LEU C 107 13.95 16.00 -15.40
C LEU C 107 15.34 15.38 -15.63
N GLU C 108 15.42 14.04 -15.61
CA GLU C 108 16.70 13.35 -15.68
C GLU C 108 17.54 13.80 -16.86
N GLU C 109 16.88 14.22 -17.92
CA GLU C 109 17.54 14.73 -19.12
C GLU C 109 18.11 16.13 -18.91
N TYR C 110 17.61 16.85 -17.92
CA TYR C 110 18.04 18.23 -17.70
C TYR C 110 19.00 18.37 -16.55
N GLY C 111 19.41 17.24 -15.99
CA GLY C 111 20.43 17.23 -14.96
C GLY C 111 19.83 17.30 -13.57
N ILE C 112 18.50 17.23 -13.51
CA ILE C 112 17.79 17.21 -12.25
C ILE C 112 17.13 15.87 -12.04
N MET C 113 17.17 15.34 -10.82
CA MET C 113 16.47 14.11 -10.50
C MET C 113 16.10 14.21 -9.03
N VAL C 114 14.82 14.14 -8.69
CA VAL C 114 14.41 14.28 -7.29
C VAL C 114 14.56 12.94 -6.60
N ASN C 115 15.47 12.83 -5.66
CA ASN C 115 15.71 11.53 -5.06
C ASN C 115 14.60 11.17 -4.13
N ASN C 116 14.73 10.00 -3.54
CA ASN C 116 13.70 9.44 -2.69
C ASN C 116 14.15 9.26 -1.25
N ASP C 117 14.35 10.38 -0.57
CA ASP C 117 14.73 10.37 0.82
C ASP C 117 14.11 11.57 1.48
N ALA C 118 14.19 11.64 2.79
CA ALA C 118 13.67 12.78 3.50
C ALA C 118 14.77 13.44 4.26
N VAL C 119 14.78 14.76 4.22
CA VAL C 119 15.69 15.57 4.98
C VAL C 119 15.15 15.63 6.38
N VAL C 120 16.01 15.41 7.38
CA VAL C 120 15.63 15.55 8.77
C VAL C 120 16.69 16.38 9.44
N ARG C 121 16.42 16.84 10.65
CA ARG C 121 17.33 17.69 11.39
C ARG C 121 18.15 16.90 12.38
N ASN C 122 19.45 17.10 12.40
CA ASN C 122 20.29 16.39 13.34
C ASN C 122 20.38 17.03 14.73
N VAL C 123 19.88 18.25 14.92
CA VAL C 123 19.98 18.90 16.23
C VAL C 123 18.74 19.68 16.63
N TYR C 124 18.32 19.67 17.90
CA TYR C 124 17.13 20.45 18.24
C TYR C 124 17.49 21.91 18.28
N TYR C 125 16.70 22.71 17.57
CA TYR C 125 16.74 24.16 17.69
C TYR C 125 15.34 24.64 17.34
N LYS C 126 14.51 24.81 18.36
CA LYS C 126 13.20 25.45 18.25
C LYS C 126 12.06 24.79 17.44
N TYR C 127 12.27 23.71 16.70
CA TYR C 127 11.14 23.14 15.96
C TYR C 127 10.82 21.72 16.34
N PHE C 128 9.52 21.43 16.47
CA PHE C 128 9.06 20.16 17.03
C PHE C 128 9.33 18.87 16.26
N HIS C 129 9.12 18.86 14.95
CA HIS C 129 9.22 17.61 14.20
C HIS C 129 10.55 17.58 13.49
N PRO C 130 11.15 16.40 13.37
CA PRO C 130 12.43 16.24 12.68
C PRO C 130 12.43 16.55 11.22
N LYS C 131 11.33 16.35 10.53
CA LYS C 131 11.37 16.61 9.12
C LYS C 131 11.32 18.10 8.85
N GLU C 132 11.12 18.90 9.90
CA GLU C 132 11.15 20.35 9.77
C GLU C 132 12.54 20.92 9.87
N ALA C 133 13.33 20.84 8.82
CA ALA C 133 14.74 21.20 8.91
C ALA C 133 14.96 22.68 8.97
N LEU C 134 15.79 23.13 9.91
CA LEU C 134 16.10 24.56 10.04
C LEU C 134 17.50 24.80 9.54
N VAL C 135 17.62 25.53 8.46
CA VAL C 135 18.89 25.58 7.78
C VAL C 135 19.52 26.92 7.89
N SER C 136 20.55 27.01 8.71
CA SER C 136 21.13 28.30 8.96
C SER C 136 22.08 28.71 7.84
N ASP C 137 22.72 27.73 7.19
CA ASP C 137 23.74 28.03 6.19
C ASP C 137 23.56 27.28 4.90
N GLY C 138 22.37 27.38 4.31
CA GLY C 138 22.06 26.63 3.13
C GLY C 138 22.18 27.38 1.83
N VAL C 139 22.35 28.69 1.92
CA VAL C 139 22.40 29.57 0.75
C VAL C 139 23.61 29.38 -0.15
N LEU C 140 23.39 29.20 -1.45
CA LEU C 140 24.50 28.96 -2.38
C LEU C 140 24.95 30.09 -3.29
N ASN C 141 24.08 30.61 -4.16
CA ASN C 141 24.53 31.60 -5.14
C ASN C 141 24.42 33.01 -4.57
N ARG C 142 25.18 33.94 -5.12
CA ARG C 142 25.30 35.26 -4.49
C ARG C 142 24.02 36.07 -4.47
N GLU C 143 23.27 36.02 -5.56
CA GLU C 143 22.09 36.87 -5.68
C GLU C 143 20.92 36.48 -4.77
N ILE C 144 20.89 35.24 -4.32
CA ILE C 144 19.78 34.79 -3.48
C ILE C 144 19.83 35.43 -2.10
N SER C 145 20.96 36.03 -1.77
CA SER C 145 20.98 36.91 -0.62
C SER C 145 20.51 38.25 -1.11
N ARG C 146 19.23 38.32 -1.46
CA ARG C 146 18.60 39.57 -1.81
C ARG C 146 18.26 40.31 -0.53
N ALA C 147 18.35 39.61 0.60
CA ALA C 147 18.50 40.25 1.89
C ALA C 147 19.97 40.52 2.17
N ALA C 148 20.27 41.16 3.31
CA ALA C 148 21.64 41.55 3.65
C ALA C 148 22.55 40.35 4.01
N ALA C 167 23.70 36.64 6.68
CA ALA C 167 23.21 35.32 7.08
C ALA C 167 21.72 35.19 6.79
N LEU C 168 21.29 33.99 6.39
CA LEU C 168 19.89 33.76 6.04
C LEU C 168 19.34 32.39 6.37
N THR C 169 18.34 32.38 7.24
CA THR C 169 17.73 31.18 7.77
C THR C 169 16.40 30.87 7.12
N PHE C 170 16.15 29.62 6.78
CA PHE C 170 14.84 29.21 6.28
C PHE C 170 14.47 27.85 6.82
N VAL C 171 13.20 27.49 6.73
CA VAL C 171 12.73 26.23 7.27
C VAL C 171 12.27 25.29 6.18
N TYR C 172 12.88 24.11 6.06
CA TYR C 172 12.64 23.24 4.90
C TYR C 172 11.91 22.00 5.31
N PRO C 173 10.58 22.03 5.30
CA PRO C 173 9.71 21.01 5.87
C PRO C 173 9.38 19.89 4.93
N PHE C 174 9.61 18.67 5.38
CA PHE C 174 9.10 17.47 4.74
C PHE C 174 9.55 17.39 3.31
N GLY C 175 10.86 17.41 3.13
CA GLY C 175 11.39 17.54 1.80
C GLY C 175 12.44 16.53 1.44
N ALA C 176 12.73 16.45 0.15
CA ALA C 176 13.72 15.51 -0.32
C ALA C 176 14.85 16.30 -0.88
N THR C 177 15.92 15.62 -1.24
CA THR C 177 17.04 16.27 -1.87
C THR C 177 17.05 15.95 -3.35
N LEU C 178 17.57 16.89 -4.12
CA LEU C 178 17.65 16.77 -5.56
C LEU C 178 19.01 16.24 -5.99
N SER C 179 19.05 15.40 -7.00
CA SER C 179 20.33 15.12 -7.63
C SER C 179 20.52 16.20 -8.66
N VAL C 180 21.60 16.96 -8.56
CA VAL C 180 21.78 18.09 -9.45
C VAL C 180 22.99 17.81 -10.31
N MET C 181 22.76 17.80 -11.61
CA MET C 181 23.79 17.51 -12.59
C MET C 181 23.79 18.57 -13.68
N LYS C 182 24.93 18.75 -14.33
CA LYS C 182 25.03 19.72 -15.43
C LYS C 182 23.99 19.40 -16.50
N PRO C 183 23.40 20.42 -17.14
CA PRO C 183 23.63 21.86 -17.09
C PRO C 183 22.98 22.56 -15.91
N ALA C 184 22.07 21.88 -15.21
CA ALA C 184 21.35 22.52 -14.11
C ALA C 184 22.28 22.89 -12.99
N VAL C 185 21.90 23.88 -12.18
CA VAL C 185 22.77 24.33 -11.11
C VAL C 185 22.01 24.51 -9.79
N ALA C 186 22.57 23.97 -8.73
CA ALA C 186 21.94 23.95 -7.42
C ALA C 186 22.04 25.29 -6.72
N VAL C 187 20.98 25.70 -6.02
CA VAL C 187 20.96 27.03 -5.43
C VAL C 187 20.66 27.07 -3.94
N LEU C 188 20.13 26.00 -3.37
CA LEU C 188 19.95 25.94 -1.92
C LEU C 188 20.30 24.55 -1.39
N SER C 189 20.89 24.49 -0.21
CA SER C 189 21.33 23.22 0.31
C SER C 189 20.72 22.94 1.66
N THR C 190 20.80 21.70 2.11
CA THR C 190 20.23 21.33 3.39
C THR C 190 21.00 21.90 4.55
N GLY C 191 22.19 22.39 4.28
CA GLY C 191 22.96 23.07 5.30
C GLY C 191 24.06 22.20 5.81
N SER C 192 24.67 22.61 6.90
CA SER C 192 25.80 21.88 7.43
C SER C 192 25.44 21.13 8.68
N VAL C 193 24.17 21.22 9.08
CA VAL C 193 23.74 20.58 10.30
C VAL C 193 22.44 19.79 10.09
N CYS C 194 22.17 19.38 8.86
CA CYS C 194 21.03 18.51 8.56
C CYS C 194 21.47 17.26 7.87
N PHE C 195 20.56 16.31 7.70
CA PHE C 195 20.89 15.08 7.06
C PHE C 195 19.99 14.93 5.89
N PRO C 196 20.52 14.67 4.70
CA PRO C 196 21.91 14.48 4.29
C PRO C 196 22.66 15.76 4.41
N LEU C 197 23.93 15.76 4.78
CA LEU C 197 24.61 17.03 4.92
C LEU C 197 24.83 17.65 3.58
N ASN C 198 24.62 18.94 3.51
CA ASN C 198 25.08 19.72 2.38
C ASN C 198 24.78 19.19 1.00
N ARG C 199 23.61 18.59 0.80
CA ARG C 199 23.20 18.23 -0.53
C ARG C 199 22.04 19.13 -0.96
N PRO C 200 21.98 19.52 -2.24
CA PRO C 200 21.06 20.53 -2.80
C PRO C 200 19.60 20.27 -2.57
N ILE C 201 18.78 21.31 -2.62
CA ILE C 201 17.36 21.14 -2.41
C ILE C 201 16.60 21.98 -3.39
N LEU C 202 17.30 22.85 -4.10
CA LEU C 202 16.67 23.69 -5.11
C LEU C 202 17.66 24.00 -6.23
N ALA C 203 17.29 23.66 -7.45
CA ALA C 203 18.24 23.73 -8.54
C ALA C 203 17.66 24.45 -9.75
N PHE C 204 18.51 25.17 -10.47
CA PHE C 204 18.08 26.01 -11.57
C PHE C 204 18.72 25.64 -12.89
N TYR C 205 18.03 26.04 -13.96
CA TYR C 205 18.49 25.88 -15.34
C TYR C 205 18.10 27.16 -16.07
N HIS C 206 19.08 27.89 -16.61
CA HIS C 206 18.81 29.20 -17.19
C HIS C 206 18.89 29.24 -18.71
N LYS C 214 13.92 28.68 -18.72
CA LYS C 214 14.04 28.55 -17.27
C LYS C 214 13.46 27.24 -16.77
N LEU C 215 14.23 26.45 -16.04
CA LEU C 215 13.64 25.32 -15.34
C LEU C 215 13.98 25.51 -13.86
N ALA C 216 13.02 25.26 -12.97
CA ALA C 216 13.29 25.35 -11.55
C ALA C 216 12.64 24.20 -10.79
N VAL C 217 13.45 23.40 -10.12
CA VAL C 217 12.92 22.30 -9.34
C VAL C 217 13.16 22.58 -7.87
N LEU C 218 12.12 22.42 -7.06
CA LEU C 218 12.20 22.66 -5.62
C LEU C 218 12.00 21.38 -4.85
N GLY C 219 12.73 21.25 -3.76
CA GLY C 219 12.77 20.00 -3.06
C GLY C 219 11.58 19.55 -2.23
N SER C 220 10.54 20.38 -2.07
CA SER C 220 9.22 19.97 -1.51
C SER C 220 8.26 21.08 -1.10
N CYS C 221 7.01 20.87 -1.49
CA CYS C 221 5.94 21.86 -1.54
C CYS C 221 5.52 22.45 -0.21
N HIS C 222 5.72 21.73 0.87
CA HIS C 222 5.24 22.23 2.15
C HIS C 222 5.98 23.49 2.53
N MET C 223 7.10 23.76 1.85
CA MET C 223 7.89 24.93 2.16
C MET C 223 7.06 26.19 1.99
N PHE C 224 6.08 26.12 1.08
CA PHE C 224 5.28 27.27 0.68
C PHE C 224 3.82 27.24 1.07
N SER C 225 3.40 26.23 1.82
CA SER C 225 2.01 26.18 2.26
C SER C 225 1.75 27.37 3.16
N ASP C 226 0.50 27.57 3.54
CA ASP C 226 0.19 28.66 4.45
C ASP C 226 0.94 28.44 5.75
N GLN C 227 1.18 27.17 6.06
CA GLN C 227 1.84 26.78 7.28
C GLN C 227 3.28 27.29 7.38
N TYR C 228 3.98 27.41 6.25
CA TYR C 228 5.43 27.67 6.31
C TYR C 228 5.99 28.83 5.47
N LEU C 229 5.23 29.38 4.53
CA LEU C 229 5.77 30.47 3.72
C LEU C 229 6.02 31.69 4.62
N ASP C 230 5.12 31.89 5.57
CA ASP C 230 5.22 32.98 6.55
C ASP C 230 6.32 32.84 7.59
N LYS C 231 6.77 31.62 7.85
CA LYS C 231 7.40 31.26 9.13
C LYS C 231 8.78 31.83 9.44
N GLU C 232 9.76 31.66 8.57
CA GLU C 232 11.09 32.09 8.95
C GLU C 232 11.93 32.54 7.78
N GLU C 233 11.54 33.62 7.13
CA GLU C 233 12.27 34.15 5.98
C GLU C 233 12.18 33.18 4.83
N ASN C 234 11.22 32.26 4.91
CA ASN C 234 10.86 31.46 3.76
C ASN C 234 10.36 32.36 2.65
N SER C 235 9.67 33.42 3.06
CA SER C 235 9.06 34.37 2.14
C SER C 235 10.08 34.98 1.21
N LYS C 236 11.23 35.36 1.76
CA LYS C 236 12.28 35.96 0.96
C LYS C 236 12.72 34.99 -0.13
N ILE C 237 12.77 33.71 0.20
CA ILE C 237 13.17 32.70 -0.77
C ILE C 237 12.13 32.60 -1.90
N MET C 238 10.85 32.56 -1.54
CA MET C 238 9.81 32.48 -2.56
C MET C 238 9.94 33.61 -3.53
N ASP C 239 10.11 34.81 -2.98
CA ASP C 239 10.14 36.01 -3.78
C ASP C 239 11.07 35.81 -4.93
N VAL C 240 12.28 35.38 -4.62
CA VAL C 240 13.33 35.27 -5.64
C VAL C 240 13.08 34.15 -6.63
N VAL C 241 12.60 33.00 -6.17
CA VAL C 241 12.37 31.86 -7.04
C VAL C 241 11.42 32.19 -8.19
N PHE C 242 10.44 33.03 -7.91
CA PHE C 242 9.45 33.41 -8.92
C PHE C 242 9.88 34.59 -9.80
N GLN C 243 10.75 35.46 -9.30
CA GLN C 243 11.27 36.55 -10.13
C GLN C 243 12.22 36.00 -11.18
N TRP C 244 12.88 34.90 -10.84
CA TRP C 244 13.77 34.23 -11.77
C TRP C 244 12.93 33.54 -12.84
N LEU C 245 11.85 32.90 -12.40
CA LEU C 245 10.95 32.21 -13.31
C LEU C 245 10.07 33.18 -14.11
#